data_6S3K
#
_entry.id   6S3K
#
_cell.length_a   1.00
_cell.length_b   1.00
_cell.length_c   1.00
_cell.angle_alpha   90.00
_cell.angle_beta   90.00
_cell.angle_gamma   90.00
#
_symmetry.space_group_name_H-M   'P 1'
#
loop_
_entity.id
_entity.type
_entity.pdbx_description
1 polymer 'APC family permease'
2 non-polymer 'POTASSIUM ION'
#
_entity_poly.entity_id   1
_entity_poly.type   'polypeptide(L)'
_entity_poly.pdbx_seq_one_letter_code
;MYHSIKRFLIGKPLKSQAAGEQKLTKLKALAMLSSDALSSVAYGTEQILIILATISAAAFWYSIPIAVGVLILLLALILS
YRQIIYAYPQGGGAYIVSKENLGEKPGLIAGGSLLVDYILTVAVSISAGTDAITSAFPALHDYHVPIAIFLVLVIMILNL
RGLSESASILAYPVYLFVVALLVLIAVGLFKLMTGQIDQPAHHTSLGTPVAGITLFLLLKAFSSGCSALTGVEAISNAIP
AFKNPPARNAARTLAMMGILLAILFSGITVLAYGYGTAPKPDETVVSQIASETFGRNVFYYVIQGVTSLILVLAANTGFS
AFPQLAFNLARDQYMPRMFTVRGDRLGFSNGIIFLGFASIVLIILFGGQTEHLIPLYAVGVFIPFTLSQTGMCMKWIKQK
PKGWIGKMLINSCGALISFMVLSILFVTKFNVVWPVLIFMPIVVLLFFAIKNHYTAVGEQLRIVDKEPEEIKGTVVIVPV
AGVTTVVQKSIHYAKSLSDQVIAVHVSFDREQEKKFEKRWEELNNGVRLVTLHSSYRSLVHPFDKFLETVEAKAKKEQFS
VMVLFPQFITKKRWHTILHNQSAFLLRVRLFWKKDIMVATLPYHFKK
;
_entity_poly.pdbx_strand_id   B,A
#
loop_
_chem_comp.id
_chem_comp.type
_chem_comp.name
_chem_comp.formula
K non-polymer 'POTASSIUM ION' 'K 1'
#
# COMPACT_ATOMS: atom_id res chain seq x y z
N LEU A 27 10.10 38.01 -2.35
CA LEU A 27 9.59 38.52 -3.62
C LEU A 27 8.07 38.48 -3.64
N LYS A 28 7.50 37.61 -4.49
CA LYS A 28 6.05 37.48 -4.63
C LYS A 28 5.54 36.14 -4.17
N ALA A 29 6.10 35.04 -4.71
CA ALA A 29 5.80 33.66 -4.34
C ALA A 29 4.32 33.31 -4.50
N LEU A 30 3.79 33.62 -5.67
CA LEU A 30 2.48 33.17 -6.10
C LEU A 30 2.52 31.80 -6.77
N ALA A 31 3.71 31.20 -6.83
CA ALA A 31 3.91 30.01 -7.64
C ALA A 31 3.32 28.77 -7.02
N MET A 32 3.29 28.68 -5.68
CA MET A 32 2.78 27.51 -4.99
C MET A 32 1.27 27.31 -5.18
N LEU A 33 0.56 28.32 -5.67
CA LEU A 33 -0.86 28.26 -5.99
C LEU A 33 -1.12 28.37 -7.48
N SER A 34 -0.31 29.14 -8.18
CA SER A 34 -0.41 29.19 -9.63
C SER A 34 -0.01 27.88 -10.29
N SER A 35 0.77 27.04 -9.61
CA SER A 35 1.07 25.71 -10.15
C SER A 35 -0.17 24.83 -10.20
N ASP A 36 -1.11 25.01 -9.28
CA ASP A 36 -2.37 24.30 -9.44
C ASP A 36 -3.28 25.02 -10.41
N ALA A 37 -3.20 26.34 -10.46
CA ALA A 37 -4.11 27.06 -11.33
C ALA A 37 -3.80 26.88 -12.81
N LEU A 38 -2.64 27.37 -13.27
CA LEU A 38 -2.34 27.39 -14.69
C LEU A 38 -1.58 26.15 -15.16
N SER A 39 -1.70 25.03 -14.46
CA SER A 39 -1.26 23.77 -15.03
C SER A 39 -2.29 23.16 -15.94
N SER A 40 -3.52 23.66 -15.91
CA SER A 40 -4.58 23.14 -16.74
C SER A 40 -4.57 23.89 -18.07
N VAL A 41 -3.52 23.65 -18.84
CA VAL A 41 -3.45 24.05 -20.23
C VAL A 41 -2.97 22.85 -21.04
N ALA A 42 -3.06 21.67 -20.45
CA ALA A 42 -2.50 20.48 -21.07
C ALA A 42 -3.50 19.34 -21.15
N TYR A 43 -4.42 19.26 -20.20
CA TYR A 43 -5.26 18.07 -20.09
C TYR A 43 -6.74 18.36 -20.17
N GLY A 44 -7.23 19.34 -19.44
CA GLY A 44 -8.67 19.51 -19.37
C GLY A 44 -9.12 20.63 -20.26
N THR A 45 -8.32 20.91 -21.28
CA THR A 45 -8.53 22.04 -22.16
C THR A 45 -8.83 21.62 -23.58
N GLU A 46 -7.92 20.91 -24.20
CA GLU A 46 -8.09 20.51 -25.56
C GLU A 46 -8.21 19.02 -25.71
N GLN A 47 -7.59 18.26 -24.81
CA GLN A 47 -7.70 16.82 -24.83
C GLN A 47 -9.15 16.39 -24.66
N ILE A 48 -9.78 16.77 -23.55
CA ILE A 48 -11.12 16.28 -23.26
C ILE A 48 -12.16 16.92 -24.17
N LEU A 49 -12.06 18.24 -24.37
CA LEU A 49 -13.01 18.96 -25.20
C LEU A 49 -12.94 18.49 -26.66
N ILE A 50 -11.72 18.36 -27.19
CA ILE A 50 -11.57 17.97 -28.58
C ILE A 50 -11.88 16.48 -28.75
N ILE A 51 -11.67 15.65 -27.70
CA ILE A 51 -12.09 14.26 -27.75
C ILE A 51 -13.61 14.15 -27.88
N LEU A 52 -14.35 14.95 -27.13
CA LEU A 52 -15.80 14.88 -27.24
C LEU A 52 -16.31 15.43 -28.56
N ALA A 53 -15.68 16.51 -29.06
CA ALA A 53 -16.10 17.07 -30.34
C ALA A 53 -15.80 16.13 -31.50
N THR A 54 -14.66 15.41 -31.47
CA THR A 54 -14.37 14.46 -32.53
C THR A 54 -15.21 13.21 -32.43
N ILE A 55 -15.52 12.76 -31.20
CA ILE A 55 -16.34 11.56 -31.07
C ILE A 55 -17.79 11.85 -31.45
N SER A 56 -18.17 13.12 -31.55
CA SER A 56 -19.43 13.39 -32.26
C SER A 56 -19.33 13.15 -33.75
N ALA A 57 -18.56 13.98 -34.45
CA ALA A 57 -18.65 14.04 -35.90
C ALA A 57 -17.33 14.19 -36.63
N ALA A 58 -16.20 14.28 -35.92
CA ALA A 58 -14.84 14.42 -36.47
C ALA A 58 -14.66 15.67 -37.34
N ALA A 59 -15.54 16.66 -37.20
CA ALA A 59 -15.40 17.94 -37.88
C ALA A 59 -15.74 19.00 -36.83
N PHE A 60 -14.71 19.48 -36.14
CA PHE A 60 -14.89 20.38 -35.01
C PHE A 60 -14.55 21.80 -35.45
N TRP A 61 -15.42 22.73 -35.10
CA TRP A 61 -15.08 24.13 -35.14
C TRP A 61 -15.63 24.85 -33.92
N TYR A 62 -16.22 24.12 -32.98
CA TYR A 62 -16.76 24.67 -31.76
C TYR A 62 -15.71 24.78 -30.66
N SER A 63 -14.43 24.74 -30.99
CA SER A 63 -13.42 24.93 -29.97
C SER A 63 -13.35 26.40 -29.54
N ILE A 64 -13.47 27.31 -30.49
CA ILE A 64 -13.44 28.75 -30.17
C ILE A 64 -14.67 29.22 -29.41
N PRO A 65 -15.93 28.88 -29.76
CA PRO A 65 -17.04 29.33 -28.89
C PRO A 65 -17.05 28.69 -27.52
N ILE A 66 -16.67 27.42 -27.41
CA ILE A 66 -16.66 26.81 -26.08
C ILE A 66 -15.49 27.34 -25.26
N ALA A 67 -14.40 27.72 -25.92
CA ALA A 67 -13.31 28.36 -25.19
C ALA A 67 -13.71 29.75 -24.70
N VAL A 68 -14.49 30.48 -25.50
CA VAL A 68 -14.95 31.79 -25.03
C VAL A 68 -15.98 31.62 -23.92
N GLY A 69 -16.82 30.58 -23.98
CA GLY A 69 -17.77 30.33 -22.91
C GLY A 69 -17.11 29.93 -21.60
N VAL A 70 -16.06 29.12 -21.69
CA VAL A 70 -15.27 28.78 -20.51
C VAL A 70 -14.57 30.02 -19.96
N LEU A 71 -14.10 30.93 -20.83
CA LEU A 71 -13.51 32.16 -20.31
C LEU A 71 -14.54 33.08 -19.66
N ILE A 72 -15.77 33.05 -20.14
CA ILE A 72 -16.83 33.85 -19.50
C ILE A 72 -17.16 33.28 -18.12
N LEU A 73 -17.21 31.95 -18.02
CA LEU A 73 -17.41 31.33 -16.71
C LEU A 73 -16.22 31.57 -15.79
N LEU A 74 -15.02 31.68 -16.35
CA LEU A 74 -13.85 32.04 -15.54
C LEU A 74 -13.96 33.46 -15.02
N LEU A 75 -14.45 34.38 -15.84
CA LEU A 75 -14.62 35.76 -15.38
C LEU A 75 -15.64 35.85 -14.26
N ALA A 76 -16.73 35.07 -14.37
CA ALA A 76 -17.71 35.02 -13.29
C ALA A 76 -17.11 34.44 -12.02
N LEU A 77 -16.29 33.39 -12.13
CA LEU A 77 -15.71 32.80 -10.94
C LEU A 77 -14.64 33.68 -10.32
N ILE A 78 -13.88 34.41 -11.14
CA ILE A 78 -12.84 35.24 -10.55
C ILE A 78 -13.46 36.47 -9.87
N LEU A 79 -14.58 36.99 -10.39
CA LEU A 79 -15.20 38.09 -9.66
C LEU A 79 -15.91 37.60 -8.40
N SER A 80 -16.49 36.40 -8.44
CA SER A 80 -17.12 35.86 -7.23
C SER A 80 -16.09 35.56 -6.15
N TYR A 81 -14.91 35.07 -6.52
CA TYR A 81 -13.91 34.84 -5.49
C TYR A 81 -13.20 36.12 -5.06
N ARG A 82 -13.17 37.15 -5.90
CA ARG A 82 -12.78 38.46 -5.41
C ARG A 82 -13.75 38.97 -4.35
N GLN A 83 -15.05 38.70 -4.55
CA GLN A 83 -16.05 39.06 -3.54
C GLN A 83 -15.87 38.26 -2.25
N ILE A 84 -15.59 36.96 -2.36
CA ILE A 84 -15.41 36.15 -1.16
C ILE A 84 -14.16 36.56 -0.39
N ILE A 85 -13.09 36.89 -1.10
CA ILE A 85 -11.87 37.31 -0.40
C ILE A 85 -12.04 38.70 0.20
N TYR A 86 -12.75 39.61 -0.48
CA TYR A 86 -13.03 40.91 0.11
C TYR A 86 -14.01 40.84 1.27
N ALA A 87 -14.81 39.77 1.37
CA ALA A 87 -15.71 39.64 2.50
C ALA A 87 -15.09 38.87 3.67
N TYR A 88 -13.98 38.16 3.46
CA TYR A 88 -13.35 37.36 4.50
C TYR A 88 -11.85 37.62 4.45
N PRO A 89 -11.35 38.54 5.29
CA PRO A 89 -9.89 38.64 5.44
C PRO A 89 -9.27 37.44 6.12
N GLN A 90 -10.05 36.72 6.93
CA GLN A 90 -9.62 35.40 7.40
C GLN A 90 -9.45 34.45 6.22
N GLY A 91 -10.42 34.46 5.30
CA GLY A 91 -10.22 33.93 3.97
C GLY A 91 -10.31 32.44 3.80
N GLY A 92 -10.75 31.69 4.80
CA GLY A 92 -10.96 30.28 4.60
C GLY A 92 -12.15 30.02 3.70
N GLY A 93 -11.89 29.61 2.46
CA GLY A 93 -12.91 29.50 1.45
C GLY A 93 -13.50 28.11 1.31
N ALA A 94 -14.73 28.08 0.78
CA ALA A 94 -15.41 26.92 0.21
C ALA A 94 -15.86 25.88 1.23
N TYR A 95 -15.47 26.01 2.49
CA TYR A 95 -16.06 25.22 3.54
C TYR A 95 -16.71 26.09 4.60
N ILE A 96 -15.97 27.07 5.10
CA ILE A 96 -16.41 27.88 6.23
C ILE A 96 -17.65 28.68 5.87
N VAL A 97 -17.67 29.23 4.65
CA VAL A 97 -18.83 29.97 4.19
C VAL A 97 -20.03 29.05 4.00
N SER A 98 -19.78 27.83 3.54
CA SER A 98 -20.87 26.88 3.32
C SER A 98 -21.46 26.41 4.64
N LYS A 99 -20.63 26.17 5.65
CA LYS A 99 -21.14 25.72 6.93
C LYS A 99 -21.85 26.85 7.65
N GLU A 100 -21.22 28.02 7.74
CA GLU A 100 -21.82 29.08 8.53
C GLU A 100 -22.97 29.78 7.82
N ASN A 101 -23.19 29.53 6.54
CA ASN A 101 -24.38 30.08 5.88
C ASN A 101 -25.29 29.00 5.32
N LEU A 102 -25.07 27.73 5.66
CA LEU A 102 -26.00 26.70 5.25
C LEU A 102 -26.37 25.78 6.40
N GLY A 103 -25.46 25.57 7.35
CA GLY A 103 -25.77 24.76 8.51
C GLY A 103 -24.86 23.57 8.73
N GLU A 104 -25.44 22.38 8.89
CA GLU A 104 -24.68 21.18 9.21
C GLU A 104 -24.78 20.12 8.13
N LYS A 105 -25.99 19.72 7.73
CA LYS A 105 -26.14 18.70 6.71
C LYS A 105 -25.68 19.20 5.34
N PRO A 106 -25.90 20.46 4.96
CA PRO A 106 -25.02 21.05 3.95
C PRO A 106 -23.89 21.80 4.62
N GLY A 107 -22.86 22.08 3.82
CA GLY A 107 -21.67 22.67 4.38
C GLY A 107 -20.65 21.60 4.67
N LEU A 108 -21.11 20.43 5.13
CA LEU A 108 -20.24 19.30 5.35
C LEU A 108 -19.98 18.55 4.05
N ILE A 109 -20.95 18.58 3.12
CA ILE A 109 -20.74 17.98 1.81
C ILE A 109 -19.70 18.76 1.03
N ALA A 110 -19.54 20.05 1.34
CA ALA A 110 -18.43 20.81 0.80
C ALA A 110 -17.09 20.26 1.28
N GLY A 111 -17.03 19.80 2.53
CA GLY A 111 -15.82 19.17 3.02
C GLY A 111 -15.54 17.83 2.35
N GLY A 112 -16.60 17.03 2.16
CA GLY A 112 -16.42 15.76 1.46
C GLY A 112 -16.00 15.94 0.01
N SER A 113 -16.57 16.93 -0.66
CA SER A 113 -16.19 17.16 -2.03
C SER A 113 -14.83 17.83 -2.17
N LEU A 114 -14.37 18.59 -1.17
CA LEU A 114 -12.98 19.02 -1.22
C LEU A 114 -12.02 17.87 -0.96
N LEU A 115 -12.43 16.86 -0.19
CA LEU A 115 -11.60 15.65 -0.11
C LEU A 115 -11.49 14.96 -1.46
N VAL A 116 -12.62 14.81 -2.15
CA VAL A 116 -12.59 14.19 -3.48
C VAL A 116 -11.80 15.03 -4.46
N ASP A 117 -11.84 16.36 -4.32
CA ASP A 117 -11.04 17.22 -5.17
C ASP A 117 -9.56 17.10 -4.89
N TYR A 118 -9.16 16.89 -3.63
CA TYR A 118 -7.72 16.77 -3.35
C TYR A 118 -7.16 15.45 -3.84
N ILE A 119 -7.89 14.35 -3.59
CA ILE A 119 -7.51 13.04 -4.12
C ILE A 119 -7.42 13.09 -5.64
N LEU A 120 -8.39 13.70 -6.28
CA LEU A 120 -8.34 13.71 -7.72
C LEU A 120 -7.40 14.74 -8.30
N THR A 121 -7.03 15.80 -7.56
CA THR A 121 -6.07 16.69 -8.17
C THR A 121 -4.68 16.09 -8.14
N VAL A 122 -4.35 15.28 -7.12
CA VAL A 122 -3.05 14.63 -7.24
C VAL A 122 -3.09 13.48 -8.25
N ALA A 123 -4.22 12.77 -8.37
CA ALA A 123 -4.32 11.70 -9.36
C ALA A 123 -4.30 12.23 -10.79
N VAL A 124 -5.06 13.29 -11.07
CA VAL A 124 -5.16 13.79 -12.43
C VAL A 124 -3.91 14.55 -12.83
N SER A 125 -3.30 15.29 -11.90
CA SER A 125 -2.05 15.97 -12.25
C SER A 125 -0.92 14.98 -12.52
N ILE A 126 -0.85 13.87 -11.76
CA ILE A 126 0.20 12.90 -12.04
C ILE A 126 -0.10 12.12 -13.32
N SER A 127 -1.37 11.82 -13.59
CA SER A 127 -1.70 11.05 -14.79
C SER A 127 -1.45 11.87 -16.05
N ALA A 128 -1.75 13.17 -16.02
CA ALA A 128 -1.39 14.00 -17.16
C ALA A 128 0.10 14.24 -17.22
N GLY A 129 0.81 14.18 -16.09
CA GLY A 129 2.26 14.27 -16.12
C GLY A 129 2.90 13.09 -16.84
N THR A 130 2.40 11.89 -16.60
CA THR A 130 2.92 10.75 -17.35
C THR A 130 2.46 10.77 -18.78
N ASP A 131 1.26 11.26 -19.07
CA ASP A 131 0.85 11.36 -20.46
C ASP A 131 1.60 12.44 -21.22
N ALA A 132 2.25 13.37 -20.53
CA ALA A 132 3.14 14.32 -21.17
C ALA A 132 4.61 13.95 -21.04
N ILE A 133 4.95 12.88 -20.33
CA ILE A 133 6.32 12.39 -20.37
C ILE A 133 6.49 11.11 -21.21
N THR A 134 5.41 10.43 -21.54
CA THR A 134 5.48 9.37 -22.55
C THR A 134 5.03 9.88 -23.90
N SER A 135 5.36 11.12 -24.21
CA SER A 135 5.28 11.64 -25.56
C SER A 135 6.56 12.28 -26.01
N ALA A 136 7.51 12.50 -25.11
CA ALA A 136 8.86 12.86 -25.48
C ALA A 136 9.70 11.64 -25.77
N PHE A 137 9.51 10.57 -25.02
CA PHE A 137 10.24 9.32 -25.18
C PHE A 137 9.23 8.18 -25.28
N PRO A 138 8.57 8.05 -26.44
CA PRO A 138 7.36 7.22 -26.51
C PRO A 138 7.60 5.72 -26.47
N ALA A 139 8.85 5.28 -26.40
CA ALA A 139 9.12 3.85 -26.34
C ALA A 139 8.69 3.25 -25.01
N LEU A 140 8.61 4.05 -23.95
CA LEU A 140 8.18 3.56 -22.65
C LEU A 140 6.70 3.77 -22.42
N HIS A 141 5.91 3.88 -23.48
CA HIS A 141 4.46 4.03 -23.35
C HIS A 141 3.75 2.70 -23.18
N ASP A 142 4.49 1.60 -23.16
CA ASP A 142 3.89 0.31 -22.83
C ASP A 142 3.48 0.26 -21.37
N TYR A 143 4.38 0.62 -20.46
CA TYR A 143 4.03 0.74 -19.05
C TYR A 143 4.08 2.22 -18.69
N HIS A 144 2.92 2.78 -18.36
CA HIS A 144 2.87 4.13 -17.85
C HIS A 144 1.86 4.28 -16.71
N VAL A 145 1.22 3.19 -16.30
CA VAL A 145 0.67 3.11 -14.96
C VAL A 145 1.80 3.06 -13.91
N PRO A 146 2.90 2.26 -14.06
CA PRO A 146 3.92 2.32 -13.01
C PRO A 146 4.95 3.42 -13.18
N ILE A 147 4.68 4.44 -13.99
CA ILE A 147 5.47 5.67 -13.90
C ILE A 147 4.66 6.64 -13.05
N ALA A 148 3.33 6.51 -13.14
CA ALA A 148 2.45 7.36 -12.35
C ALA A 148 2.58 7.04 -10.87
N ILE A 149 2.64 5.75 -10.52
CA ILE A 149 2.80 5.39 -9.13
C ILE A 149 4.19 5.78 -8.65
N PHE A 150 5.18 5.77 -9.53
CA PHE A 150 6.51 6.19 -9.14
C PHE A 150 6.58 7.69 -8.89
N LEU A 151 5.86 8.48 -9.69
CA LEU A 151 5.90 9.92 -9.47
C LEU A 151 5.08 10.32 -8.24
N VAL A 152 3.96 9.64 -8.00
CA VAL A 152 3.20 9.84 -6.77
C VAL A 152 4.06 9.46 -5.57
N LEU A 153 4.84 8.39 -5.69
CA LEU A 153 5.67 7.97 -4.57
C LEU A 153 6.85 8.90 -4.34
N VAL A 154 7.43 9.48 -5.39
CA VAL A 154 8.56 10.38 -5.14
C VAL A 154 8.05 11.71 -4.59
N ILE A 155 6.83 12.12 -4.96
CA ILE A 155 6.28 13.34 -4.36
C ILE A 155 5.86 13.09 -2.92
N MET A 156 5.35 11.89 -2.63
CA MET A 156 4.99 11.53 -1.27
C MET A 156 6.22 11.43 -0.39
N ILE A 157 7.33 10.92 -0.92
CA ILE A 157 8.57 10.83 -0.17
C ILE A 157 9.16 12.21 0.07
N LEU A 158 9.21 13.04 -0.98
CA LEU A 158 9.80 14.37 -0.83
C LEU A 158 8.91 15.30 -0.02
N ASN A 159 7.64 14.94 0.21
CA ASN A 159 6.89 15.64 1.24
C ASN A 159 7.01 15.01 2.62
N LEU A 160 7.32 13.72 2.72
CA LEU A 160 7.42 13.13 4.05
C LEU A 160 8.77 13.43 4.70
N ARG A 161 9.84 12.84 4.16
CA ARG A 161 11.13 12.88 4.84
C ARG A 161 11.96 14.09 4.46
N GLY A 162 11.87 14.53 3.20
CA GLY A 162 12.61 15.71 2.80
C GLY A 162 12.06 16.97 3.46
N LEU A 163 10.74 17.18 3.35
CA LEU A 163 10.02 18.34 3.87
C LEU A 163 10.65 19.65 3.41
N SER A 164 10.67 19.82 2.08
CA SER A 164 11.44 20.93 1.51
C SER A 164 10.72 22.25 1.72
N GLU A 165 9.57 22.43 1.05
CA GLU A 165 8.76 23.66 1.08
C GLU A 165 9.60 24.91 0.78
N SER A 166 10.51 24.80 -0.17
CA SER A 166 11.55 25.79 -0.38
C SER A 166 11.01 26.99 -1.16
N ALA A 167 11.92 27.87 -1.57
CA ALA A 167 11.55 29.09 -2.28
C ALA A 167 12.18 29.17 -3.66
N SER A 168 12.83 28.10 -4.12
CA SER A 168 13.40 28.08 -5.46
C SER A 168 12.85 26.95 -6.31
N ILE A 169 12.82 25.73 -5.78
CA ILE A 169 12.38 24.58 -6.57
C ILE A 169 10.87 24.63 -6.78
N LEU A 170 10.13 25.20 -5.83
CA LEU A 170 8.70 25.33 -5.98
C LEU A 170 8.29 26.63 -6.64
N ALA A 171 9.24 27.44 -7.10
CA ALA A 171 8.90 28.76 -7.62
C ALA A 171 9.59 29.15 -8.91
N TYR A 172 10.63 28.46 -9.34
CA TYR A 172 11.21 28.69 -10.65
C TYR A 172 10.49 28.00 -11.84
N PRO A 173 10.06 26.73 -11.77
CA PRO A 173 9.47 26.13 -12.98
C PRO A 173 8.13 26.69 -13.38
N VAL A 174 7.39 27.37 -12.51
CA VAL A 174 6.17 28.02 -12.96
C VAL A 174 6.53 29.21 -13.85
N TYR A 175 7.58 29.94 -13.49
CA TYR A 175 8.06 31.03 -14.34
C TYR A 175 8.62 30.50 -15.66
N LEU A 176 9.36 29.38 -15.61
CA LEU A 176 9.89 28.78 -16.83
C LEU A 176 8.77 28.28 -17.73
N PHE A 177 7.71 27.73 -17.15
CA PHE A 177 6.58 27.23 -17.91
C PHE A 177 5.80 28.34 -18.57
N VAL A 178 5.57 29.42 -17.84
CA VAL A 178 4.83 30.54 -18.40
C VAL A 178 5.62 31.19 -19.54
N VAL A 179 6.94 31.37 -19.37
CA VAL A 179 7.69 31.97 -20.46
C VAL A 179 7.87 30.97 -21.63
N ALA A 180 7.85 29.67 -21.35
CA ALA A 180 8.01 28.68 -22.42
C ALA A 180 6.76 28.59 -23.27
N LEU A 181 5.60 28.44 -22.65
CA LEU A 181 4.37 28.40 -23.43
C LEU A 181 4.06 29.74 -24.06
N LEU A 182 4.51 30.85 -23.46
CA LEU A 182 4.33 32.14 -24.11
C LEU A 182 5.17 32.26 -25.37
N VAL A 183 6.45 31.85 -25.32
CA VAL A 183 7.27 31.98 -26.53
C VAL A 183 6.84 30.96 -27.58
N LEU A 184 6.30 29.81 -27.15
CA LEU A 184 5.74 28.85 -28.10
C LEU A 184 4.49 29.38 -28.77
N ILE A 185 3.60 30.01 -28.00
CA ILE A 185 2.40 30.60 -28.58
C ILE A 185 2.75 31.73 -29.53
N ALA A 186 3.80 32.49 -29.19
CA ALA A 186 4.29 33.55 -30.07
C ALA A 186 4.77 33.00 -31.41
N VAL A 187 5.68 32.02 -31.38
CA VAL A 187 6.22 31.51 -32.64
C VAL A 187 5.18 30.68 -33.39
N GLY A 188 4.22 30.09 -32.67
CA GLY A 188 3.21 29.29 -33.35
C GLY A 188 2.17 30.13 -34.05
N LEU A 189 1.76 31.23 -33.42
CA LEU A 189 0.90 32.15 -34.12
C LEU A 189 1.65 32.89 -35.22
N PHE A 190 2.97 33.05 -35.09
CA PHE A 190 3.76 33.62 -36.17
C PHE A 190 3.80 32.68 -37.36
N LYS A 191 3.88 31.37 -37.10
CA LYS A 191 3.87 30.39 -38.18
C LYS A 191 2.48 30.27 -38.80
N LEU A 192 1.43 30.34 -37.99
CA LEU A 192 0.08 30.34 -38.54
C LEU A 192 -0.21 31.63 -39.31
N MET A 193 0.47 32.71 -38.96
CA MET A 193 0.38 33.95 -39.70
C MET A 193 1.37 33.90 -40.86
N THR A 194 1.69 35.08 -41.43
CA THR A 194 2.40 35.35 -42.69
C THR A 194 1.99 34.42 -43.85
N GLY A 195 0.70 34.09 -43.91
CA GLY A 195 0.11 33.46 -45.08
C GLY A 195 0.61 32.06 -45.42
N GLN A 196 1.18 31.35 -44.46
CA GLN A 196 1.75 30.04 -44.70
C GLN A 196 0.87 28.97 -44.07
N ILE A 197 0.56 27.94 -44.83
CA ILE A 197 -0.18 26.79 -44.32
C ILE A 197 0.81 25.76 -43.77
N ASP A 198 0.59 25.35 -42.52
CA ASP A 198 1.41 24.34 -41.90
C ASP A 198 0.64 23.06 -41.58
N GLN A 199 -0.64 23.01 -41.94
CA GLN A 199 -1.38 21.76 -42.05
C GLN A 199 -2.42 21.97 -43.14
N PRO A 200 -2.25 21.36 -44.32
CA PRO A 200 -3.15 21.68 -45.45
C PRO A 200 -4.57 21.15 -45.29
N ALA A 201 -4.82 20.25 -44.35
CA ALA A 201 -6.18 19.87 -43.98
C ALA A 201 -6.69 20.87 -42.95
N HIS A 202 -7.78 21.55 -43.27
CA HIS A 202 -8.32 22.57 -42.37
C HIS A 202 -9.82 22.68 -42.59
N HIS A 203 -10.55 22.85 -41.48
CA HIS A 203 -12.00 22.97 -41.51
C HIS A 203 -12.38 24.41 -41.83
N THR A 204 -13.65 24.74 -41.65
CA THR A 204 -14.16 26.06 -42.03
C THR A 204 -13.83 27.09 -40.95
N SER A 205 -14.34 28.30 -41.10
CA SER A 205 -14.09 29.37 -40.14
C SER A 205 -15.35 29.90 -39.49
N LEU A 206 -16.34 30.29 -40.28
CA LEU A 206 -17.55 30.93 -39.77
C LEU A 206 -18.77 30.13 -40.24
N GLY A 207 -19.67 29.82 -39.30
CA GLY A 207 -20.86 29.09 -39.66
C GLY A 207 -20.53 27.65 -39.99
N THR A 208 -21.13 27.17 -41.09
CA THR A 208 -21.02 25.81 -41.64
C THR A 208 -21.31 24.75 -40.58
N PRO A 209 -22.58 24.55 -40.21
CA PRO A 209 -22.89 23.53 -39.20
C PRO A 209 -22.69 22.13 -39.75
N VAL A 210 -22.52 21.17 -38.84
CA VAL A 210 -22.23 19.80 -39.18
C VAL A 210 -23.32 18.91 -38.58
N ALA A 211 -23.85 18.01 -39.39
CA ALA A 211 -24.88 17.09 -38.93
C ALA A 211 -24.34 16.14 -37.88
N GLY A 212 -25.23 15.65 -37.02
CA GLY A 212 -24.82 14.85 -35.89
C GLY A 212 -24.33 15.65 -34.71
N ILE A 213 -24.80 16.89 -34.57
CA ILE A 213 -24.36 17.81 -33.53
C ILE A 213 -25.59 18.52 -32.98
N THR A 214 -25.83 18.38 -31.68
CA THR A 214 -26.95 19.01 -31.01
C THR A 214 -26.44 20.06 -30.04
N LEU A 215 -27.37 20.85 -29.50
CA LEU A 215 -27.00 21.75 -28.42
C LEU A 215 -26.73 20.99 -27.13
N PHE A 216 -27.34 19.81 -26.97
CA PHE A 216 -27.03 18.95 -25.84
C PHE A 216 -25.59 18.48 -25.87
N LEU A 217 -25.10 18.12 -27.06
CA LEU A 217 -23.72 17.70 -27.17
C LEU A 217 -22.76 18.89 -27.06
N LEU A 218 -23.18 20.07 -27.52
CA LEU A 218 -22.33 21.25 -27.35
C LEU A 218 -22.19 21.62 -25.89
N LEU A 219 -23.29 21.54 -25.12
CA LEU A 219 -23.19 21.77 -23.69
C LEU A 219 -22.48 20.63 -22.98
N LYS A 220 -22.52 19.42 -23.55
CA LYS A 220 -21.72 18.32 -23.04
C LYS A 220 -20.23 18.61 -23.18
N ALA A 221 -19.84 19.16 -24.33
CA ALA A 221 -18.45 19.56 -24.52
C ALA A 221 -18.09 20.76 -23.66
N PHE A 222 -19.05 21.65 -23.40
CA PHE A 222 -18.78 22.75 -22.49
C PHE A 222 -18.59 22.27 -21.07
N SER A 223 -19.30 21.24 -20.67
CA SER A 223 -19.13 20.71 -19.32
C SER A 223 -17.80 19.98 -19.19
N SER A 224 -17.49 19.10 -20.14
CA SER A 224 -16.26 18.33 -20.02
C SER A 224 -15.03 19.20 -20.22
N GLY A 225 -15.15 20.28 -20.99
CA GLY A 225 -14.08 21.22 -21.15
C GLY A 225 -14.11 22.36 -20.17
N CYS A 226 -15.01 22.33 -19.19
CA CYS A 226 -15.01 23.36 -18.16
C CYS A 226 -13.91 23.11 -17.13
N SER A 227 -13.33 21.92 -17.13
CA SER A 227 -12.32 21.56 -16.15
C SER A 227 -10.98 22.23 -16.38
N ALA A 228 -10.84 23.22 -17.26
CA ALA A 228 -9.61 24.00 -17.32
C ALA A 228 -9.51 24.95 -16.13
N LEU A 229 -10.64 25.45 -15.65
CA LEU A 229 -10.62 26.41 -14.55
C LEU A 229 -10.84 25.77 -13.19
N THR A 230 -10.08 24.73 -12.86
CA THR A 230 -10.17 24.11 -11.55
C THR A 230 -9.03 24.53 -10.62
N GLY A 231 -8.55 25.75 -10.75
CA GLY A 231 -7.38 26.13 -9.99
C GLY A 231 -7.57 27.32 -9.09
N VAL A 232 -8.63 28.10 -9.31
CA VAL A 232 -8.85 29.29 -8.51
C VAL A 232 -9.27 28.95 -7.08
N GLU A 233 -9.77 27.72 -6.88
CA GLU A 233 -10.06 27.22 -5.55
C GLU A 233 -8.80 27.16 -4.68
N ALA A 234 -7.64 26.98 -5.30
CA ALA A 234 -6.39 26.93 -4.53
C ALA A 234 -6.03 28.29 -3.97
N ILE A 235 -6.28 29.36 -4.70
CA ILE A 235 -6.01 30.67 -4.12
C ILE A 235 -7.16 31.11 -3.22
N SER A 236 -8.32 30.46 -3.32
CA SER A 236 -9.37 30.76 -2.35
C SER A 236 -9.26 29.92 -1.08
N ASN A 237 -8.41 28.90 -1.06
CA ASN A 237 -8.30 28.02 0.09
C ASN A 237 -6.95 28.13 0.79
N ALA A 238 -6.03 28.95 0.29
CA ALA A 238 -4.70 29.08 0.84
C ALA A 238 -4.32 30.55 0.95
N ILE A 239 -5.21 31.31 1.60
CA ILE A 239 -5.01 32.76 1.71
C ILE A 239 -3.75 33.17 2.49
N PRO A 240 -3.45 32.63 3.74
CA PRO A 240 -2.54 33.40 4.61
C PRO A 240 -1.07 33.30 4.22
N ALA A 241 -0.21 33.84 5.08
CA ALA A 241 1.22 34.10 4.81
C ALA A 241 1.38 34.97 3.56
N PHE A 242 0.86 36.20 3.69
CA PHE A 242 1.02 37.22 2.68
C PHE A 242 1.83 38.43 3.15
N LYS A 243 1.91 38.68 4.47
CA LYS A 243 2.74 39.71 5.09
C LYS A 243 2.38 41.12 4.61
N ASN A 244 1.10 41.35 4.37
CA ASN A 244 0.58 42.63 3.89
C ASN A 244 -0.88 42.74 4.36
N PRO A 245 -1.59 43.83 4.07
CA PRO A 245 -3.05 43.78 4.14
C PRO A 245 -3.61 42.69 3.25
N PRO A 246 -4.61 41.94 3.72
CA PRO A 246 -5.08 40.78 2.93
C PRO A 246 -5.83 41.16 1.67
N ALA A 247 -6.69 42.17 1.72
CA ALA A 247 -7.37 42.64 0.53
C ALA A 247 -6.42 43.46 -0.33
N ARG A 248 -6.81 43.62 -1.60
CA ARG A 248 -6.12 44.40 -2.65
C ARG A 248 -4.73 43.91 -3.01
N ASN A 249 -4.27 42.81 -2.41
CA ASN A 249 -2.99 42.21 -2.77
C ASN A 249 -3.15 40.78 -3.25
N ALA A 250 -3.78 39.92 -2.46
CA ALA A 250 -4.10 38.57 -2.92
C ALA A 250 -5.19 38.60 -3.98
N ALA A 251 -6.06 39.60 -3.94
CA ALA A 251 -7.04 39.79 -5.00
C ALA A 251 -6.37 40.11 -6.32
N ARG A 252 -5.33 40.94 -6.31
CA ARG A 252 -4.65 41.25 -7.56
C ARG A 252 -3.73 40.12 -8.00
N THR A 253 -3.22 39.33 -7.07
CA THR A 253 -2.52 38.09 -7.43
C THR A 253 -3.46 37.12 -8.15
N LEU A 254 -4.67 36.95 -7.62
CA LEU A 254 -5.68 36.14 -8.29
C LEU A 254 -6.08 36.74 -9.63
N ALA A 255 -6.08 38.07 -9.76
CA ALA A 255 -6.40 38.70 -11.03
C ALA A 255 -5.33 38.43 -12.09
N MET A 256 -4.06 38.52 -11.70
CA MET A 256 -2.98 38.22 -12.63
C MET A 256 -2.98 36.74 -13.03
N MET A 257 -3.26 35.85 -12.08
CA MET A 257 -3.36 34.43 -12.39
C MET A 257 -4.52 34.13 -13.34
N GLY A 258 -5.65 34.80 -13.12
CA GLY A 258 -6.80 34.61 -13.99
C GLY A 258 -6.54 35.08 -15.40
N ILE A 259 -5.87 36.22 -15.55
CA ILE A 259 -5.60 36.70 -16.92
C ILE A 259 -4.52 35.84 -17.58
N LEU A 260 -3.60 35.26 -16.80
CA LEU A 260 -2.58 34.42 -17.40
C LEU A 260 -3.15 33.09 -17.87
N LEU A 261 -4.02 32.48 -17.05
CA LEU A 261 -4.71 31.28 -17.50
C LEU A 261 -5.62 31.57 -18.68
N ALA A 262 -6.22 32.77 -18.71
CA ALA A 262 -7.11 33.11 -19.80
C ALA A 262 -6.37 33.20 -21.13
N ILE A 263 -5.28 33.96 -21.16
CA ILE A 263 -4.57 34.07 -22.43
C ILE A 263 -3.80 32.80 -22.78
N LEU A 264 -3.40 32.00 -21.78
CA LEU A 264 -2.66 30.78 -22.09
C LEU A 264 -3.57 29.72 -22.67
N PHE A 265 -4.73 29.52 -22.04
CA PHE A 265 -5.70 28.57 -22.55
C PHE A 265 -6.27 29.02 -23.89
N SER A 266 -6.46 30.32 -24.07
CA SER A 266 -6.96 30.79 -25.36
C SER A 266 -5.90 30.65 -26.45
N GLY A 267 -4.62 30.83 -26.11
CA GLY A 267 -3.58 30.64 -27.10
C GLY A 267 -3.40 29.19 -27.50
N ILE A 268 -3.50 28.27 -26.53
CA ILE A 268 -3.38 26.85 -26.85
C ILE A 268 -4.58 26.38 -27.67
N THR A 269 -5.78 26.85 -27.36
CA THR A 269 -6.90 26.43 -28.18
C THR A 269 -6.93 27.13 -29.54
N VAL A 270 -6.34 28.32 -29.68
CA VAL A 270 -6.34 28.93 -31.01
C VAL A 270 -5.23 28.33 -31.86
N LEU A 271 -4.18 27.80 -31.25
CA LEU A 271 -3.19 27.06 -32.03
C LEU A 271 -3.73 25.69 -32.43
N ALA A 272 -4.46 25.03 -31.53
CA ALA A 272 -5.00 23.71 -31.86
C ALA A 272 -6.13 23.79 -32.87
N TYR A 273 -6.88 24.89 -32.90
CA TYR A 273 -7.75 25.12 -34.03
C TYR A 273 -6.98 25.59 -35.25
N GLY A 274 -5.79 26.17 -35.06
CA GLY A 274 -5.02 26.66 -36.18
C GLY A 274 -4.48 25.55 -37.06
N TYR A 275 -3.99 24.48 -36.47
CA TYR A 275 -3.52 23.34 -37.23
C TYR A 275 -4.64 22.32 -37.27
N GLY A 276 -4.32 21.10 -37.69
CA GLY A 276 -5.29 20.03 -37.62
C GLY A 276 -5.54 19.61 -36.18
N THR A 277 -4.52 19.03 -35.56
CA THR A 277 -4.48 18.65 -34.14
C THR A 277 -5.65 17.74 -33.76
N ALA A 278 -5.66 16.56 -34.33
CA ALA A 278 -6.56 15.53 -33.87
C ALA A 278 -6.13 15.06 -32.48
N PRO A 279 -7.05 14.59 -31.66
CA PRO A 279 -6.67 14.04 -30.36
C PRO A 279 -6.19 12.60 -30.45
N LYS A 280 -4.92 12.40 -30.77
CA LYS A 280 -4.39 11.05 -30.95
C LYS A 280 -4.32 10.33 -29.60
N PRO A 281 -4.59 9.02 -29.57
CA PRO A 281 -4.70 8.32 -28.28
C PRO A 281 -3.37 7.92 -27.66
N ASP A 282 -2.27 8.50 -28.12
CA ASP A 282 -0.98 8.33 -27.47
C ASP A 282 -0.31 9.62 -27.08
N GLU A 283 -0.69 10.76 -27.64
CA GLU A 283 -0.01 12.02 -27.34
C GLU A 283 -1.03 13.07 -26.92
N THR A 284 -0.53 14.11 -26.27
CA THR A 284 -1.37 15.20 -25.80
C THR A 284 -1.62 16.19 -26.92
N VAL A 285 -2.14 17.36 -26.58
CA VAL A 285 -2.41 18.37 -27.58
C VAL A 285 -1.26 19.37 -27.63
N VAL A 286 -0.66 19.65 -26.46
CA VAL A 286 0.49 20.54 -26.47
C VAL A 286 1.70 19.87 -27.14
N SER A 287 1.75 18.54 -27.16
CA SER A 287 2.83 17.85 -27.85
C SER A 287 2.71 18.02 -29.35
N GLN A 288 1.50 17.85 -29.90
CA GLN A 288 1.28 18.05 -31.33
C GLN A 288 1.48 19.50 -31.73
N ILE A 289 1.11 20.43 -30.86
CA ILE A 289 1.33 21.86 -31.12
C ILE A 289 2.81 22.16 -31.24
N ALA A 290 3.59 21.69 -30.27
CA ALA A 290 5.04 21.93 -30.30
C ALA A 290 5.70 21.20 -31.45
N SER A 291 5.19 20.01 -31.79
CA SER A 291 5.80 19.19 -32.82
C SER A 291 5.64 19.80 -34.21
N GLU A 292 4.40 20.11 -34.61
CA GLU A 292 4.22 20.78 -35.89
C GLU A 292 4.58 22.26 -35.84
N THR A 293 4.87 22.83 -34.67
CA THR A 293 5.28 24.23 -34.68
C THR A 293 6.79 24.40 -34.83
N PHE A 294 7.57 23.68 -34.05
CA PHE A 294 9.00 23.96 -34.02
C PHE A 294 9.81 22.68 -34.15
N GLY A 295 9.48 21.88 -35.16
CA GLY A 295 10.27 20.71 -35.47
C GLY A 295 10.01 19.57 -34.52
N ARG A 296 10.68 18.45 -34.77
CA ARG A 296 10.46 17.29 -33.92
C ARG A 296 11.26 17.40 -32.63
N ASN A 297 12.58 17.48 -32.73
CA ASN A 297 13.41 17.51 -31.52
C ASN A 297 14.53 18.53 -31.70
N VAL A 298 14.24 19.79 -31.38
CA VAL A 298 15.27 20.79 -31.14
C VAL A 298 14.98 21.53 -29.83
N PHE A 299 13.80 22.13 -29.76
CA PHE A 299 13.31 22.86 -28.60
C PHE A 299 12.13 22.16 -27.95
N TYR A 300 11.54 21.18 -28.65
CA TYR A 300 10.33 20.52 -28.20
C TYR A 300 10.53 19.77 -26.89
N TYR A 301 11.76 19.36 -26.58
CA TYR A 301 11.97 18.58 -25.39
C TYR A 301 11.88 19.42 -24.13
N VAL A 302 12.18 20.72 -24.22
CA VAL A 302 12.04 21.54 -23.02
C VAL A 302 10.57 21.83 -22.73
N ILE A 303 9.70 21.79 -23.74
CA ILE A 303 8.27 22.00 -23.51
C ILE A 303 7.66 20.81 -22.79
N GLN A 304 7.95 19.60 -23.26
CA GLN A 304 7.45 18.41 -22.59
C GLN A 304 8.07 18.24 -21.21
N GLY A 305 9.34 18.61 -21.07
CA GLY A 305 9.96 18.58 -19.75
C GLY A 305 9.29 19.52 -18.77
N VAL A 306 9.06 20.78 -19.17
CA VAL A 306 8.51 21.73 -18.25
C VAL A 306 7.04 21.45 -17.98
N THR A 307 6.32 20.84 -18.92
CA THR A 307 4.93 20.50 -18.66
C THR A 307 4.81 19.31 -17.72
N SER A 308 5.72 18.34 -17.83
CA SER A 308 5.75 17.27 -16.83
C SER A 308 6.10 17.80 -15.45
N LEU A 309 7.03 18.76 -15.39
CA LEU A 309 7.41 19.33 -14.10
C LEU A 309 6.26 20.12 -13.47
N ILE A 310 5.49 20.82 -14.29
CA ILE A 310 4.40 21.63 -13.76
C ILE A 310 3.26 20.76 -13.28
N LEU A 311 2.97 19.67 -13.98
CA LEU A 311 1.96 18.75 -13.47
C LEU A 311 2.38 18.07 -12.18
N VAL A 312 3.69 17.78 -12.03
CA VAL A 312 4.20 17.26 -10.76
C VAL A 312 4.03 18.28 -9.64
N LEU A 313 4.34 19.54 -9.90
CA LEU A 313 4.15 20.57 -8.88
C LEU A 313 2.69 20.80 -8.53
N ALA A 314 1.77 20.57 -9.48
CA ALA A 314 0.36 20.66 -9.14
C ALA A 314 -0.07 19.55 -8.19
N ALA A 315 0.50 18.36 -8.38
CA ALA A 315 0.26 17.29 -7.40
C ALA A 315 0.81 17.68 -6.03
N ASN A 316 1.95 18.37 -6.01
CA ASN A 316 2.51 18.83 -4.75
C ASN A 316 1.62 19.87 -4.09
N THR A 317 0.94 20.71 -4.88
CA THR A 317 0.00 21.68 -4.29
C THR A 317 -1.22 20.99 -3.72
N GLY A 318 -1.67 19.88 -4.33
CA GLY A 318 -2.73 19.09 -3.73
C GLY A 318 -2.36 18.53 -2.36
N PHE A 319 -1.16 17.96 -2.26
CA PHE A 319 -0.66 17.49 -0.95
C PHE A 319 -0.50 18.64 0.04
N SER A 320 -0.05 19.80 -0.42
CA SER A 320 0.21 20.90 0.50
C SER A 320 -1.06 21.58 0.99
N ALA A 321 -2.15 21.50 0.23
CA ALA A 321 -3.38 22.15 0.66
C ALA A 321 -4.39 21.18 1.26
N PHE A 322 -4.06 19.89 1.36
CA PHE A 322 -4.85 19.02 2.23
C PHE A 322 -4.98 19.46 3.69
N PRO A 323 -3.90 19.72 4.46
CA PRO A 323 -4.08 19.83 5.91
C PRO A 323 -4.74 21.10 6.36
N GLN A 324 -4.88 22.13 5.52
CA GLN A 324 -5.65 23.29 5.95
C GLN A 324 -7.14 22.96 5.99
N LEU A 325 -7.62 22.18 5.03
CA LEU A 325 -8.97 21.61 5.12
C LEU A 325 -9.08 20.68 6.32
N ALA A 326 -8.06 19.84 6.54
CA ALA A 326 -8.11 18.92 7.68
C ALA A 326 -8.12 19.66 9.00
N PHE A 327 -7.46 20.81 9.07
CA PHE A 327 -7.43 21.59 10.30
C PHE A 327 -8.72 22.36 10.51
N ASN A 328 -9.33 22.85 9.43
CA ASN A 328 -10.62 23.51 9.57
C ASN A 328 -11.74 22.53 9.84
N LEU A 329 -11.54 21.24 9.57
CA LEU A 329 -12.54 20.27 9.93
C LEU A 329 -12.21 19.50 11.22
N ALA A 330 -10.99 19.60 11.72
CA ALA A 330 -10.67 18.95 12.98
C ALA A 330 -11.33 19.67 14.13
N ARG A 331 -11.27 21.00 14.13
CA ARG A 331 -12.15 21.79 14.97
C ARG A 331 -13.59 21.56 14.53
N ASP A 332 -14.51 21.82 15.47
CA ASP A 332 -15.92 21.45 15.43
C ASP A 332 -16.13 19.93 15.37
N GLN A 333 -15.10 19.16 15.74
CA GLN A 333 -15.20 17.74 16.10
C GLN A 333 -15.70 16.87 14.95
N TYR A 334 -15.05 16.98 13.79
CA TYR A 334 -15.43 16.19 12.64
C TYR A 334 -14.34 15.26 12.13
N MET A 335 -13.09 15.67 12.19
CA MET A 335 -12.00 14.78 11.82
C MET A 335 -11.49 14.11 13.10
N PRO A 336 -10.51 13.21 13.01
CA PRO A 336 -9.73 12.88 14.21
C PRO A 336 -9.06 14.12 14.78
N ARG A 337 -8.92 14.13 16.11
CA ARG A 337 -8.44 15.29 16.84
C ARG A 337 -6.99 15.64 16.58
N MET A 338 -6.21 14.74 15.99
CA MET A 338 -4.76 14.89 15.88
C MET A 338 -4.34 15.99 14.92
N PHE A 339 -5.26 16.60 14.17
CA PHE A 339 -4.92 17.58 13.15
C PHE A 339 -5.00 19.00 13.69
N THR A 340 -4.99 19.17 15.01
CA THR A 340 -5.23 20.48 15.60
C THR A 340 -3.96 21.34 15.63
N VAL A 341 -2.79 20.76 15.34
CA VAL A 341 -1.52 21.45 15.52
C VAL A 341 -1.09 22.21 14.27
N ARG A 342 -1.81 22.03 13.15
CA ARG A 342 -1.63 22.78 11.90
C ARG A 342 -0.22 22.61 11.33
N GLY A 343 0.15 21.36 11.06
CA GLY A 343 1.42 21.09 10.42
C GLY A 343 2.60 20.93 11.36
N ASP A 344 2.35 20.51 12.60
CA ASP A 344 3.44 20.22 13.53
C ASP A 344 3.69 18.72 13.59
N ARG A 345 3.42 18.03 12.47
CA ARG A 345 3.73 16.62 12.24
C ARG A 345 2.99 15.73 13.23
N LEU A 346 1.66 15.75 13.18
CA LEU A 346 0.89 14.68 13.80
C LEU A 346 0.06 13.90 12.79
N GLY A 347 -0.83 14.59 12.09
CA GLY A 347 -1.66 13.93 11.10
C GLY A 347 -1.19 14.24 9.69
N PHE A 348 -0.18 15.10 9.59
CA PHE A 348 0.43 15.41 8.30
C PHE A 348 1.00 14.15 7.65
N SER A 349 1.57 13.26 8.47
CA SER A 349 2.01 11.97 7.96
C SER A 349 0.83 11.10 7.55
N ASN A 350 -0.17 10.98 8.42
CA ASN A 350 -1.32 10.13 8.09
C ASN A 350 -2.15 10.73 6.96
N GLY A 351 -2.22 12.07 6.90
CA GLY A 351 -2.89 12.71 5.79
C GLY A 351 -2.19 12.47 4.47
N ILE A 352 -0.86 12.58 4.46
CA ILE A 352 -0.10 12.35 3.24
C ILE A 352 -0.21 10.90 2.79
N ILE A 353 -0.17 9.95 3.73
CA ILE A 353 -0.29 8.54 3.36
C ILE A 353 -1.67 8.21 2.83
N PHE A 354 -2.73 8.78 3.44
CA PHE A 354 -4.08 8.52 2.94
C PHE A 354 -4.30 9.13 1.57
N LEU A 355 -3.79 10.34 1.36
CA LEU A 355 -3.95 11.00 0.07
C LEU A 355 -3.21 10.24 -1.03
N GLY A 356 -2.00 9.78 -0.73
CA GLY A 356 -1.27 9.00 -1.70
C GLY A 356 -1.92 7.66 -2.00
N PHE A 357 -2.47 7.00 -0.98
CA PHE A 357 -3.08 5.69 -1.20
C PHE A 357 -4.37 5.79 -2.00
N ALA A 358 -5.19 6.80 -1.71
CA ALA A 358 -6.42 6.95 -2.50
C ALA A 358 -6.12 7.43 -3.90
N SER A 359 -5.09 8.27 -4.08
CA SER A 359 -4.67 8.65 -5.41
C SER A 359 -4.18 7.45 -6.21
N ILE A 360 -3.44 6.56 -5.56
CA ILE A 360 -2.90 5.39 -6.25
C ILE A 360 -4.02 4.41 -6.62
N VAL A 361 -4.99 4.21 -5.72
CA VAL A 361 -6.07 3.29 -6.08
C VAL A 361 -6.98 3.89 -7.15
N LEU A 362 -7.07 5.22 -7.26
CA LEU A 362 -7.83 5.75 -8.38
C LEU A 362 -7.08 5.67 -9.70
N ILE A 363 -5.75 5.85 -9.67
CA ILE A 363 -4.95 5.63 -10.88
C ILE A 363 -5.06 4.17 -11.32
N ILE A 364 -5.11 3.24 -10.37
CA ILE A 364 -5.19 1.83 -10.70
C ILE A 364 -6.55 1.47 -11.28
N LEU A 365 -7.64 1.97 -10.66
CA LEU A 365 -8.97 1.69 -11.19
C LEU A 365 -9.20 2.34 -12.55
N PHE A 366 -8.52 3.44 -12.87
CA PHE A 366 -8.82 4.09 -14.14
C PHE A 366 -7.64 4.11 -15.11
N GLY A 367 -6.58 3.37 -14.83
CA GLY A 367 -5.42 3.39 -15.69
C GLY A 367 -4.69 4.72 -15.62
N GLY A 368 -3.68 4.85 -16.47
CA GLY A 368 -3.06 6.14 -16.63
C GLY A 368 -3.72 6.88 -17.76
N GLN A 369 -5.02 7.11 -17.63
CA GLN A 369 -5.81 7.48 -18.80
C GLN A 369 -5.94 8.98 -19.00
N THR A 370 -6.17 9.72 -17.90
CA THR A 370 -6.63 11.12 -17.83
C THR A 370 -7.65 11.49 -18.92
N GLU A 371 -8.56 10.58 -19.20
CA GLU A 371 -9.74 10.85 -20.00
C GLU A 371 -11.00 10.38 -19.32
N HIS A 372 -10.90 9.46 -18.37
CA HIS A 372 -12.01 9.07 -17.52
C HIS A 372 -12.03 9.80 -16.20
N LEU A 373 -10.87 10.18 -15.66
CA LEU A 373 -10.83 10.79 -14.33
C LEU A 373 -11.21 12.26 -14.35
N ILE A 374 -11.23 12.90 -15.51
CA ILE A 374 -11.55 14.32 -15.62
C ILE A 374 -13.01 14.62 -15.24
N PRO A 375 -14.04 13.86 -15.62
CA PRO A 375 -15.36 14.14 -15.06
C PRO A 375 -15.47 13.91 -13.56
N LEU A 376 -14.71 12.95 -13.02
CA LEU A 376 -14.67 12.76 -11.58
C LEU A 376 -14.09 13.99 -10.87
N TYR A 377 -12.97 14.48 -11.38
CA TYR A 377 -12.31 15.64 -10.80
C TYR A 377 -13.12 16.90 -10.98
N ALA A 378 -13.85 17.01 -12.09
CA ALA A 378 -14.67 18.19 -12.29
C ALA A 378 -15.92 18.18 -11.42
N VAL A 379 -16.50 17.00 -11.17
CA VAL A 379 -17.59 16.92 -10.20
C VAL A 379 -17.08 17.23 -8.81
N GLY A 380 -15.89 16.74 -8.48
CA GLY A 380 -15.29 17.01 -7.20
C GLY A 380 -14.89 18.45 -6.98
N VAL A 381 -14.69 19.22 -8.05
CA VAL A 381 -14.42 20.64 -7.87
C VAL A 381 -15.68 21.49 -8.06
N PHE A 382 -16.74 20.96 -8.65
CA PHE A 382 -17.93 21.77 -8.90
C PHE A 382 -19.11 21.42 -8.02
N ILE A 383 -18.93 20.52 -7.06
CA ILE A 383 -19.80 20.58 -5.89
C ILE A 383 -19.38 21.71 -4.95
N PRO A 384 -18.08 21.92 -4.60
CA PRO A 384 -17.78 23.06 -3.72
C PRO A 384 -18.01 24.42 -4.32
N PHE A 385 -17.88 24.60 -5.64
CA PHE A 385 -18.16 25.91 -6.21
C PHE A 385 -19.64 26.24 -6.13
N THR A 386 -20.49 25.23 -6.38
CA THR A 386 -21.93 25.37 -6.25
C THR A 386 -22.32 25.72 -4.82
N LEU A 387 -21.80 24.97 -3.85
CA LEU A 387 -22.20 25.21 -2.47
C LEU A 387 -21.64 26.51 -1.94
N SER A 388 -20.45 26.91 -2.38
CA SER A 388 -19.89 28.18 -1.97
C SER A 388 -20.68 29.36 -2.53
N GLN A 389 -21.11 29.25 -3.79
CA GLN A 389 -21.89 30.34 -4.36
C GLN A 389 -23.29 30.42 -3.75
N THR A 390 -23.89 29.26 -3.45
CA THR A 390 -25.21 29.27 -2.81
C THR A 390 -25.14 29.84 -1.41
N GLY A 391 -24.09 29.49 -0.66
CA GLY A 391 -23.93 30.04 0.68
C GLY A 391 -23.64 31.53 0.66
N MET A 392 -22.83 31.99 -0.30
CA MET A 392 -22.61 33.42 -0.44
C MET A 392 -23.89 34.14 -0.85
N CYS A 393 -24.74 33.49 -1.65
CA CYS A 393 -26.02 34.09 -2.02
C CYS A 393 -26.94 34.24 -0.82
N MET A 394 -26.98 33.22 0.06
CA MET A 394 -27.83 33.34 1.24
C MET A 394 -27.26 34.35 2.23
N LYS A 395 -25.93 34.48 2.31
CA LYS A 395 -25.35 35.50 3.16
C LYS A 395 -25.62 36.89 2.61
N TRP A 396 -25.69 37.04 1.30
CA TRP A 396 -26.03 38.33 0.72
C TRP A 396 -27.54 38.57 0.67
N ILE A 397 -28.36 37.55 0.92
CA ILE A 397 -29.80 37.80 1.04
C ILE A 397 -30.18 38.00 2.51
N LYS A 398 -29.28 37.68 3.45
CA LYS A 398 -29.56 37.96 4.85
C LYS A 398 -29.55 39.45 5.14
N GLN A 399 -28.63 40.19 4.54
CA GLN A 399 -28.54 41.63 4.71
C GLN A 399 -28.50 42.32 3.35
N LYS A 400 -28.77 43.61 3.36
CA LYS A 400 -28.82 44.38 2.11
C LYS A 400 -27.84 45.55 2.15
N PRO A 401 -26.56 45.32 2.48
CA PRO A 401 -25.69 46.44 2.89
C PRO A 401 -25.26 47.42 1.81
N LYS A 402 -24.63 46.93 0.74
CA LYS A 402 -23.87 47.80 -0.16
C LYS A 402 -23.91 47.20 -1.56
N GLY A 403 -24.77 47.75 -2.42
CA GLY A 403 -24.92 47.24 -3.77
C GLY A 403 -25.47 45.83 -3.76
N TRP A 404 -26.71 45.70 -3.29
CA TRP A 404 -27.20 44.40 -2.83
C TRP A 404 -27.53 43.48 -4.01
N ILE A 405 -28.40 43.95 -4.91
CA ILE A 405 -28.91 43.10 -5.97
C ILE A 405 -27.85 42.75 -7.01
N GLY A 406 -26.81 43.58 -7.16
CA GLY A 406 -25.77 43.26 -8.13
C GLY A 406 -24.89 42.11 -7.68
N LYS A 407 -24.44 42.15 -6.43
CA LYS A 407 -23.65 41.05 -5.88
C LYS A 407 -24.51 39.79 -5.73
N MET A 408 -25.79 39.96 -5.39
CA MET A 408 -26.69 38.81 -5.32
C MET A 408 -26.85 38.14 -6.68
N LEU A 409 -27.01 38.93 -7.74
CA LEU A 409 -27.18 38.34 -9.07
C LEU A 409 -25.89 37.75 -9.60
N ILE A 410 -24.74 38.34 -9.27
CA ILE A 410 -23.46 37.77 -9.69
C ILE A 410 -23.26 36.39 -9.07
N ASN A 411 -23.50 36.27 -7.77
CA ASN A 411 -23.30 34.98 -7.13
C ASN A 411 -24.37 33.97 -7.53
N SER A 412 -25.61 34.42 -7.78
CA SER A 412 -26.64 33.45 -8.16
C SER A 412 -26.45 32.97 -9.59
N CYS A 413 -25.95 33.83 -10.48
CA CYS A 413 -25.70 33.37 -11.83
C CYS A 413 -24.49 32.46 -11.89
N GLY A 414 -23.47 32.74 -11.07
CA GLY A 414 -22.36 31.80 -10.94
C GLY A 414 -22.79 30.46 -10.39
N ALA A 415 -23.72 30.47 -9.43
CA ALA A 415 -24.27 29.23 -8.91
C ALA A 415 -25.05 28.47 -9.96
N LEU A 416 -25.80 29.19 -10.80
CA LEU A 416 -26.57 28.54 -11.85
C LEU A 416 -25.67 27.88 -12.89
N ILE A 417 -24.62 28.59 -13.32
CA ILE A 417 -23.78 28.02 -14.37
C ILE A 417 -22.91 26.89 -13.83
N SER A 418 -22.48 26.97 -12.57
CA SER A 418 -21.77 25.84 -12.00
C SER A 418 -22.71 24.66 -11.77
N PHE A 419 -23.97 24.92 -11.47
CA PHE A 419 -24.90 23.82 -11.24
C PHE A 419 -25.26 23.12 -12.54
N MET A 420 -25.39 23.85 -13.64
CA MET A 420 -25.66 23.17 -14.90
C MET A 420 -24.43 22.43 -15.40
N VAL A 421 -23.23 22.92 -15.11
CA VAL A 421 -22.02 22.17 -15.44
C VAL A 421 -21.98 20.85 -14.67
N LEU A 422 -22.32 20.90 -13.38
CA LEU A 422 -22.33 19.67 -12.57
C LEU A 422 -23.42 18.71 -13.03
N SER A 423 -24.60 19.21 -13.38
CA SER A 423 -25.67 18.30 -13.76
C SER A 423 -25.42 17.67 -15.13
N ILE A 424 -24.79 18.40 -16.05
CA ILE A 424 -24.43 17.79 -17.33
C ILE A 424 -23.34 16.75 -17.13
N LEU A 425 -22.34 17.04 -16.30
CA LEU A 425 -21.32 16.05 -16.03
C LEU A 425 -21.82 14.88 -15.19
N PHE A 426 -22.98 15.00 -14.56
CA PHE A 426 -23.50 13.89 -13.80
C PHE A 426 -24.50 13.04 -14.57
N VAL A 427 -25.32 13.64 -15.43
CA VAL A 427 -26.37 12.86 -16.09
C VAL A 427 -25.79 12.00 -17.20
N THR A 428 -24.65 12.38 -17.76
CA THR A 428 -23.85 11.51 -18.60
C THR A 428 -22.52 11.28 -17.91
N LYS A 429 -21.70 10.42 -18.52
CA LYS A 429 -20.48 9.87 -17.92
C LYS A 429 -20.76 9.23 -16.56
N PHE A 430 -21.95 8.66 -16.42
CA PHE A 430 -22.38 8.01 -15.19
C PHE A 430 -21.67 6.68 -15.00
N ASN A 431 -21.08 6.14 -16.04
CA ASN A 431 -20.23 4.97 -15.92
C ASN A 431 -18.89 5.26 -15.29
N VAL A 432 -18.53 6.53 -15.08
CA VAL A 432 -17.28 6.85 -14.42
C VAL A 432 -17.48 7.56 -13.08
N VAL A 433 -18.60 8.21 -12.83
CA VAL A 433 -18.78 8.96 -11.60
C VAL A 433 -19.55 8.16 -10.55
N TRP A 434 -19.59 6.84 -10.67
CA TRP A 434 -20.08 6.07 -9.52
C TRP A 434 -19.20 6.10 -8.27
N PRO A 435 -17.87 6.34 -8.31
CA PRO A 435 -17.17 6.57 -7.03
C PRO A 435 -17.57 7.80 -6.27
N VAL A 436 -18.13 8.83 -6.89
CA VAL A 436 -18.60 9.97 -6.11
C VAL A 436 -19.88 9.62 -5.37
N LEU A 437 -20.82 8.97 -6.05
CA LEU A 437 -22.10 8.62 -5.44
C LEU A 437 -21.93 7.55 -4.34
N ILE A 438 -20.89 6.75 -4.42
CA ILE A 438 -20.56 5.84 -3.32
C ILE A 438 -19.82 6.58 -2.21
N PHE A 439 -18.75 7.29 -2.58
CA PHE A 439 -17.81 7.82 -1.61
C PHE A 439 -18.33 9.00 -0.82
N MET A 440 -19.31 9.74 -1.33
CA MET A 440 -19.75 10.91 -0.58
C MET A 440 -20.63 10.57 0.64
N PRO A 441 -21.63 9.67 0.58
CA PRO A 441 -22.35 9.36 1.82
C PRO A 441 -21.52 8.61 2.84
N ILE A 442 -20.47 7.90 2.44
CA ILE A 442 -19.60 7.26 3.42
C ILE A 442 -18.85 8.31 4.23
N VAL A 443 -18.33 9.34 3.58
CA VAL A 443 -17.61 10.38 4.31
C VAL A 443 -18.56 11.24 5.13
N VAL A 444 -19.77 11.49 4.63
CA VAL A 444 -20.73 12.27 5.42
C VAL A 444 -21.21 11.49 6.64
N LEU A 445 -21.49 10.19 6.48
CA LEU A 445 -21.88 9.34 7.59
C LEU A 445 -20.76 9.19 8.61
N LEU A 446 -19.50 9.11 8.14
CA LEU A 446 -18.38 9.01 9.06
C LEU A 446 -18.16 10.30 9.83
N PHE A 447 -18.38 11.46 9.19
CA PHE A 447 -18.24 12.72 9.90
C PHE A 447 -19.33 12.88 10.95
N PHE A 448 -20.55 12.44 10.62
CA PHE A 448 -21.63 12.44 11.60
C PHE A 448 -21.32 11.50 12.75
N ALA A 449 -20.73 10.34 12.47
CA ALA A 449 -20.40 9.38 13.52
C ALA A 449 -19.30 9.89 14.43
N ILE A 450 -18.29 10.57 13.88
CA ILE A 450 -17.24 11.13 14.71
C ILE A 450 -17.77 12.25 15.60
N LYS A 451 -18.66 13.09 15.06
CA LYS A 451 -19.24 14.15 15.88
C LYS A 451 -20.11 13.58 17.00
N ASN A 452 -20.89 12.54 16.70
CA ASN A 452 -21.71 11.89 17.72
C ASN A 452 -20.86 11.21 18.77
N HIS A 453 -19.73 10.62 18.35
CA HIS A 453 -18.83 9.96 19.30
C HIS A 453 -18.16 10.96 20.22
N TYR A 454 -17.77 12.13 19.71
CA TYR A 454 -17.15 13.11 20.59
C TYR A 454 -18.18 13.76 21.51
N THR A 455 -19.43 13.88 21.08
CA THR A 455 -20.46 14.34 22.03
C THR A 455 -20.71 13.31 23.12
N ALA A 456 -20.70 12.03 22.77
CA ALA A 456 -20.91 10.98 23.78
C ALA A 456 -19.75 10.90 24.75
N VAL A 457 -18.52 11.09 24.26
CA VAL A 457 -17.35 11.09 25.14
C VAL A 457 -17.36 12.31 26.05
N GLY A 458 -17.69 13.48 25.51
CA GLY A 458 -17.78 14.68 26.33
C GLY A 458 -18.91 14.64 27.36
N GLU A 459 -19.96 13.87 27.09
CA GLU A 459 -21.06 13.81 28.06
C GLU A 459 -20.92 12.66 29.06
N GLN A 460 -20.21 11.59 28.71
CA GLN A 460 -19.98 10.50 29.67
C GLN A 460 -18.78 10.81 30.55
N LEU A 461 -17.68 11.20 29.93
CA LEU A 461 -16.52 11.75 30.61
C LEU A 461 -16.83 13.19 31.05
N ARG A 462 -15.87 13.80 31.77
CA ARG A 462 -16.01 15.11 32.42
C ARG A 462 -17.18 15.12 33.40
N ILE A 463 -17.05 14.28 34.43
CA ILE A 463 -17.98 14.23 35.54
C ILE A 463 -17.24 14.59 36.81
N VAL A 464 -17.94 14.61 37.95
CA VAL A 464 -17.35 14.86 39.26
C VAL A 464 -17.58 13.61 40.10
N ASP A 465 -16.51 12.87 40.37
CA ASP A 465 -16.62 11.64 41.15
C ASP A 465 -15.75 11.76 42.41
N LYS A 466 -15.65 10.66 43.13
CA LYS A 466 -14.89 10.58 44.37
C LYS A 466 -13.50 10.03 44.08
N GLU A 467 -12.77 9.71 45.13
CA GLU A 467 -11.45 9.12 45.02
C GLU A 467 -11.51 7.61 45.28
N PRO A 468 -10.66 6.84 44.61
CA PRO A 468 -10.65 5.38 44.81
C PRO A 468 -10.05 4.94 46.15
N GLU A 469 -9.79 3.64 46.25
CA GLU A 469 -9.41 2.95 47.49
C GLU A 469 -8.16 3.52 48.17
N GLU A 470 -7.32 4.26 47.45
CA GLU A 470 -5.97 4.69 47.90
C GLU A 470 -5.14 3.45 48.24
N ILE A 471 -4.83 2.73 47.15
CA ILE A 471 -4.45 1.32 47.13
C ILE A 471 -3.25 0.97 48.00
N LYS A 472 -2.34 1.93 48.22
CA LYS A 472 -1.24 1.92 49.20
C LYS A 472 -0.30 0.69 49.07
N GLY A 473 -0.32 0.01 47.94
CA GLY A 473 0.57 -1.13 47.73
C GLY A 473 0.52 -1.60 46.29
N THR A 474 1.69 -1.79 45.67
CA THR A 474 1.76 -2.07 44.25
C THR A 474 2.79 -3.16 44.01
N VAL A 475 2.47 -4.10 43.13
CA VAL A 475 3.37 -5.18 42.75
C VAL A 475 3.90 -4.90 41.35
N VAL A 476 5.17 -5.26 41.13
CA VAL A 476 5.86 -4.98 39.88
C VAL A 476 6.29 -6.30 39.25
N ILE A 477 5.79 -6.57 38.06
CA ILE A 477 6.07 -7.79 37.33
C ILE A 477 6.99 -7.46 36.17
N VAL A 478 7.98 -8.30 35.91
CA VAL A 478 8.92 -8.10 34.83
C VAL A 478 9.16 -9.40 34.08
N PRO A 479 8.93 -9.46 32.76
CA PRO A 479 9.30 -10.64 31.98
C PRO A 479 10.49 -10.36 31.07
N GLY A 482 16.85 -14.36 29.72
CA GLY A 482 18.09 -14.78 30.35
C GLY A 482 18.67 -13.71 31.24
N VAL A 483 19.58 -14.10 32.14
CA VAL A 483 20.24 -13.16 33.04
C VAL A 483 21.10 -12.24 32.20
N THR A 484 20.70 -10.99 32.09
CA THR A 484 21.19 -10.07 31.10
C THR A 484 21.39 -8.72 31.78
N THR A 485 22.26 -7.89 31.21
CA THR A 485 22.46 -6.54 31.77
C THR A 485 21.18 -5.70 31.68
N VAL A 486 20.38 -5.88 30.63
CA VAL A 486 19.11 -5.17 30.55
C VAL A 486 18.12 -5.76 31.54
N VAL A 487 18.17 -7.08 31.74
CA VAL A 487 17.29 -7.71 32.72
C VAL A 487 17.68 -7.30 34.13
N GLN A 488 18.98 -7.26 34.44
CA GLN A 488 19.38 -6.87 35.79
C GLN A 488 19.15 -5.38 36.03
N LYS A 489 19.25 -4.54 34.99
CA LYS A 489 18.92 -3.13 35.14
C LYS A 489 17.43 -2.93 35.40
N SER A 490 16.58 -3.66 34.66
CA SER A 490 15.14 -3.51 34.83
C SER A 490 14.69 -4.06 36.17
N ILE A 491 15.29 -5.15 36.63
CA ILE A 491 14.90 -5.67 37.93
C ILE A 491 15.47 -4.83 39.06
N HIS A 492 16.56 -4.09 38.82
CA HIS A 492 17.02 -3.15 39.84
C HIS A 492 16.06 -1.96 39.93
N TYR A 493 15.59 -1.46 38.79
CA TYR A 493 14.59 -0.40 38.83
C TYR A 493 13.29 -0.87 39.44
N ALA A 494 12.96 -2.16 39.27
CA ALA A 494 11.78 -2.72 39.90
C ALA A 494 11.92 -2.73 41.42
N LYS A 495 13.07 -3.20 41.92
CA LYS A 495 13.29 -3.21 43.37
C LYS A 495 13.37 -1.81 43.94
N SER A 496 13.83 -0.84 43.15
CA SER A 496 13.86 0.54 43.62
C SER A 496 12.46 1.14 43.68
N LEU A 497 11.65 0.88 42.67
CA LEU A 497 10.36 1.56 42.57
C LEU A 497 9.33 0.94 43.50
N SER A 498 9.36 -0.38 43.69
CA SER A 498 8.41 -1.01 44.61
C SER A 498 9.06 -2.23 45.24
N ASP A 499 8.26 -2.95 46.02
CA ASP A 499 8.65 -4.20 46.66
C ASP A 499 7.73 -5.32 46.20
N GLN A 500 8.02 -6.53 46.69
CA GLN A 500 7.32 -7.77 46.35
C GLN A 500 7.30 -8.02 44.85
N VAL A 501 8.39 -7.66 44.18
CA VAL A 501 8.45 -7.76 42.73
C VAL A 501 8.61 -9.21 42.30
N ILE A 502 8.11 -9.52 41.12
CA ILE A 502 8.03 -10.89 40.62
C ILE A 502 8.66 -10.92 39.23
N ALA A 503 9.60 -11.83 39.02
CA ALA A 503 10.20 -12.04 37.72
C ALA A 503 9.62 -13.31 37.11
N VAL A 504 9.23 -13.23 35.84
CA VAL A 504 8.74 -14.40 35.11
C VAL A 504 9.55 -14.53 33.82
N HIS A 505 9.64 -15.76 33.32
CA HIS A 505 10.19 -15.99 31.99
C HIS A 505 9.61 -17.29 31.44
N VAL A 506 9.16 -17.24 30.19
CA VAL A 506 8.49 -18.37 29.57
C VAL A 506 9.52 -19.46 29.29
N SER A 507 9.19 -20.69 29.71
CA SER A 507 10.13 -21.81 29.64
C SER A 507 9.52 -22.93 28.82
N PHE A 508 10.27 -23.41 27.83
CA PHE A 508 9.77 -24.47 26.96
C PHE A 508 10.92 -25.27 26.39
N ASP A 509 10.56 -26.46 25.89
CA ASP A 509 11.33 -27.46 25.13
C ASP A 509 12.59 -28.02 25.79
N ARG A 510 12.89 -27.68 27.05
CA ARG A 510 14.08 -28.25 27.67
C ARG A 510 13.91 -28.29 29.18
N GLU A 511 15.00 -28.66 29.86
CA GLU A 511 15.08 -28.79 31.31
C GLU A 511 15.81 -27.63 31.95
N GLN A 512 16.35 -26.71 31.14
CA GLN A 512 17.23 -25.63 31.59
C GLN A 512 16.54 -24.58 32.44
N GLU A 513 15.21 -24.62 32.59
CA GLU A 513 14.51 -23.65 33.43
C GLU A 513 14.89 -23.83 34.90
N LYS A 514 15.06 -25.08 35.34
CA LYS A 514 15.62 -25.33 36.66
C LYS A 514 17.06 -24.86 36.72
N LYS A 515 17.81 -25.09 35.64
CA LYS A 515 19.18 -24.57 35.54
C LYS A 515 19.19 -23.05 35.47
N PHE A 516 18.17 -22.45 34.84
CA PHE A 516 18.08 -20.99 34.77
C PHE A 516 17.82 -20.40 36.16
N GLU A 517 16.89 -21.00 36.91
CA GLU A 517 16.64 -20.59 38.29
C GLU A 517 17.88 -20.78 39.15
N LYS A 518 18.60 -21.88 38.94
CA LYS A 518 19.83 -22.17 39.68
C LYS A 518 20.89 -21.11 39.44
N ARG A 519 21.22 -20.87 38.16
CA ARG A 519 22.27 -19.90 37.84
C ARG A 519 21.85 -18.48 38.19
N TRP A 520 20.55 -18.17 38.10
CA TRP A 520 20.00 -16.92 38.59
C TRP A 520 20.33 -16.71 40.05
N GLU A 521 19.99 -17.70 40.88
CA GLU A 521 20.12 -17.55 42.32
C GLU A 521 21.57 -17.53 42.78
N GLU A 522 22.38 -18.50 42.32
CA GLU A 522 23.75 -18.53 42.80
C GLU A 522 24.70 -17.72 41.92
N LEU A 523 24.19 -16.94 40.98
CA LEU A 523 25.02 -15.96 40.28
C LEU A 523 24.76 -14.56 40.81
N ASN A 524 23.52 -14.07 40.71
CA ASN A 524 23.41 -12.67 41.15
C ASN A 524 22.28 -12.41 42.14
N ASN A 525 21.12 -13.02 41.95
CA ASN A 525 19.90 -12.46 42.51
C ASN A 525 19.55 -13.08 43.85
N GLY A 526 18.59 -12.43 44.52
CA GLY A 526 17.97 -12.90 45.74
C GLY A 526 16.51 -12.54 45.76
N VAL A 527 16.01 -12.03 44.63
CA VAL A 527 14.63 -11.60 44.50
C VAL A 527 13.73 -12.80 44.22
N ARG A 528 12.43 -12.61 44.32
CA ARG A 528 11.49 -13.71 44.17
C ARG A 528 11.24 -14.01 42.70
N LEU A 529 11.13 -15.30 42.38
CA LEU A 529 10.83 -15.77 41.03
C LEU A 529 9.80 -16.88 41.12
N VAL A 530 8.84 -16.87 40.19
CA VAL A 530 7.86 -17.93 40.04
C VAL A 530 7.71 -18.24 38.56
N THR A 531 8.43 -19.25 38.08
CA THR A 531 8.44 -19.57 36.66
C THR A 531 7.15 -20.26 36.23
N LEU A 532 7.08 -20.62 34.96
CA LEU A 532 5.92 -21.27 34.39
C LEU A 532 6.38 -22.37 33.44
N HIS A 533 5.42 -23.01 32.79
CA HIS A 533 5.72 -24.14 31.90
C HIS A 533 4.65 -24.31 30.83
N LEU A 539 4.26 -17.32 23.37
CA LEU A 539 2.99 -17.96 23.72
C LEU A 539 2.18 -17.01 24.60
N VAL A 540 0.86 -17.19 24.60
CA VAL A 540 -0.07 -16.26 25.23
C VAL A 540 -0.81 -16.89 26.39
N HIS A 541 -1.31 -18.12 26.21
CA HIS A 541 -2.30 -18.72 27.10
C HIS A 541 -1.86 -18.90 28.56
N PRO A 542 -0.70 -19.49 28.89
CA PRO A 542 -0.33 -19.56 30.32
C PRO A 542 0.03 -18.21 30.90
N PHE A 543 0.45 -17.25 30.06
CA PHE A 543 0.76 -15.92 30.53
C PHE A 543 -0.51 -15.19 30.98
N ASP A 544 -1.58 -15.25 30.17
CA ASP A 544 -2.82 -14.62 30.59
C ASP A 544 -3.49 -15.39 31.71
N LYS A 545 -3.23 -16.69 31.82
CA LYS A 545 -3.69 -17.44 32.99
C LYS A 545 -3.00 -16.93 34.27
N PHE A 546 -1.68 -16.69 34.19
CA PHE A 546 -0.96 -16.17 35.34
C PHE A 546 -1.40 -14.75 35.68
N LEU A 547 -1.66 -13.93 34.66
CA LEU A 547 -2.13 -12.58 34.89
C LEU A 547 -3.54 -12.56 35.47
N GLU A 548 -4.39 -13.49 35.06
CA GLU A 548 -5.73 -13.59 35.62
C GLU A 548 -5.68 -14.04 37.08
N THR A 549 -4.75 -14.93 37.41
CA THR A 549 -4.63 -15.36 38.81
C THR A 549 -4.07 -14.25 39.68
N VAL A 550 -3.10 -13.49 39.17
CA VAL A 550 -2.56 -12.39 39.97
C VAL A 550 -3.53 -11.22 40.02
N GLU A 551 -4.45 -11.11 39.05
CA GLU A 551 -5.52 -10.14 39.17
C GLU A 551 -6.56 -10.59 40.18
N ALA A 552 -6.75 -11.91 40.31
CA ALA A 552 -7.59 -12.43 41.38
C ALA A 552 -6.97 -12.15 42.75
N LYS A 553 -5.64 -12.09 42.82
CA LYS A 553 -4.95 -11.61 44.01
C LYS A 553 -4.67 -10.12 43.91
N ALA A 554 -5.69 -9.34 43.50
CA ALA A 554 -5.53 -7.88 43.46
C ALA A 554 -6.74 -7.09 43.94
N LYS A 555 -7.96 -7.64 43.89
CA LYS A 555 -9.16 -6.83 44.05
C LYS A 555 -9.57 -6.71 45.52
N LYS A 556 -9.80 -7.84 46.18
CA LYS A 556 -10.11 -7.82 47.61
C LYS A 556 -8.91 -7.43 48.46
N GLU A 557 -7.71 -7.56 47.91
CA GLU A 557 -6.48 -7.19 48.60
C GLU A 557 -6.16 -5.70 48.48
N GLN A 558 -6.90 -4.99 47.60
CA GLN A 558 -6.78 -3.54 47.36
C GLN A 558 -5.37 -3.13 46.95
N PHE A 559 -4.64 -4.02 46.28
CA PHE A 559 -3.30 -3.72 45.78
C PHE A 559 -3.32 -3.81 44.26
N SER A 560 -2.73 -2.82 43.60
CA SER A 560 -2.74 -2.77 42.14
C SER A 560 -1.65 -3.67 41.59
N VAL A 561 -1.37 -3.53 40.29
CA VAL A 561 -0.45 -4.42 39.59
C VAL A 561 0.13 -3.64 38.42
N MET A 562 1.39 -3.91 38.10
CA MET A 562 2.11 -3.15 37.09
C MET A 562 3.16 -4.06 36.45
N VAL A 563 3.17 -4.11 35.12
CA VAL A 563 4.13 -4.91 34.37
C VAL A 563 5.15 -3.97 33.74
N LEU A 564 6.43 -4.24 33.96
CA LEU A 564 7.51 -3.46 33.40
C LEU A 564 8.14 -4.20 32.24
N PHE A 565 8.30 -3.52 31.11
CA PHE A 565 8.97 -4.04 29.94
C PHE A 565 10.29 -3.34 29.73
N PRO A 566 11.25 -3.99 29.10
CA PRO A 566 12.42 -3.25 28.61
C PRO A 566 12.27 -2.89 27.15
N GLN A 567 13.14 -2.01 26.64
CA GLN A 567 13.19 -1.71 25.22
C GLN A 567 14.63 -1.53 24.79
N PHE A 568 15.00 -2.20 23.71
CA PHE A 568 16.31 -2.02 23.12
C PHE A 568 16.23 -0.88 22.10
N ILE A 569 17.14 0.09 22.23
CA ILE A 569 17.16 1.25 21.36
C ILE A 569 18.55 1.35 20.75
N THR A 570 18.61 1.38 19.42
CA THR A 570 19.88 1.39 18.70
C THR A 570 20.35 2.83 18.48
N LYS A 571 21.37 2.99 17.64
CA LYS A 571 21.86 4.29 17.23
C LYS A 571 21.61 4.59 15.76
N LYS A 572 21.66 3.57 14.90
CA LYS A 572 21.55 3.75 13.45
C LYS A 572 20.13 3.94 12.96
N ARG A 573 19.13 3.90 13.86
CA ARG A 573 17.72 4.25 13.65
C ARG A 573 16.96 3.29 12.73
N TRP A 574 17.66 2.31 12.15
CA TRP A 574 17.07 1.31 11.28
C TRP A 574 16.68 0.04 12.03
N HIS A 575 17.31 -0.22 13.17
CA HIS A 575 17.05 -1.43 13.95
C HIS A 575 15.87 -1.27 14.89
N THR A 576 14.90 -0.40 14.56
CA THR A 576 13.64 -0.36 15.30
C THR A 576 12.88 -1.67 15.14
N ILE A 577 12.98 -2.28 13.96
CA ILE A 577 12.47 -3.62 13.71
C ILE A 577 13.53 -4.58 14.24
N LEU A 578 13.22 -5.88 14.26
CA LEU A 578 14.13 -7.00 14.47
C LEU A 578 14.75 -7.08 15.86
N HIS A 579 14.32 -6.23 16.80
CA HIS A 579 14.84 -6.30 18.15
C HIS A 579 13.78 -6.64 19.19
N ASN A 580 12.70 -5.86 19.26
CA ASN A 580 11.75 -6.00 20.35
C ASN A 580 10.31 -6.12 19.89
N GLN A 581 10.03 -6.10 18.59
CA GLN A 581 8.66 -5.98 18.11
C GLN A 581 7.89 -7.29 18.15
N SER A 582 8.38 -8.31 18.86
CA SER A 582 7.58 -9.50 19.11
C SER A 582 6.86 -9.39 20.45
N ALA A 583 7.63 -9.33 21.53
CA ALA A 583 7.06 -9.38 22.87
C ALA A 583 6.27 -8.12 23.18
N PHE A 584 6.79 -6.97 22.73
CA PHE A 584 6.13 -5.69 22.95
C PHE A 584 4.75 -5.64 22.29
N LEU A 585 4.70 -5.92 20.98
CA LEU A 585 3.45 -5.87 20.24
C LEU A 585 2.47 -6.92 20.75
N LEU A 586 2.95 -8.14 20.98
CA LEU A 586 2.06 -9.23 21.40
C LEU A 586 1.48 -8.97 22.78
N ARG A 587 2.31 -8.62 23.75
CA ARG A 587 1.78 -8.49 25.09
C ARG A 587 1.06 -7.15 25.30
N VAL A 588 1.39 -6.10 24.55
CA VAL A 588 0.56 -4.90 24.61
C VAL A 588 -0.81 -5.17 23.98
N ARG A 589 -0.87 -6.01 22.94
CA ARG A 589 -2.16 -6.49 22.44
C ARG A 589 -2.88 -7.34 23.49
N LEU A 590 -2.12 -8.08 24.29
CA LEU A 590 -2.72 -8.89 25.34
C LEU A 590 -3.24 -8.04 26.50
N PHE A 591 -2.64 -6.87 26.72
CA PHE A 591 -2.88 -6.10 27.93
C PHE A 591 -4.05 -5.14 27.81
N TRP A 592 -5.04 -5.46 27.01
CA TRP A 592 -6.33 -4.79 27.07
C TRP A 592 -7.29 -5.63 27.89
N LYS A 593 -8.37 -4.97 28.35
CA LYS A 593 -9.46 -5.59 29.14
C LYS A 593 -8.96 -6.19 30.44
N LYS A 594 -7.90 -5.62 31.02
CA LYS A 594 -7.29 -6.22 32.21
C LYS A 594 -7.10 -5.20 33.31
N ASP A 595 -7.00 -3.92 32.93
CA ASP A 595 -6.75 -2.78 33.83
C ASP A 595 -5.45 -2.98 34.63
N ILE A 596 -4.35 -3.01 33.89
CA ILE A 596 -3.02 -3.17 34.47
C ILE A 596 -2.05 -2.26 33.72
N MET A 597 -1.44 -1.32 34.42
CA MET A 597 -0.60 -0.34 33.77
C MET A 597 0.73 -0.96 33.38
N VAL A 598 1.16 -0.69 32.16
CA VAL A 598 2.43 -1.20 31.67
C VAL A 598 3.44 -0.07 31.69
N ALA A 599 4.71 -0.41 31.49
CA ALA A 599 5.76 0.58 31.47
C ALA A 599 6.94 0.04 30.68
N THR A 600 7.58 0.90 29.92
CA THR A 600 8.74 0.55 29.12
C THR A 600 9.96 1.30 29.64
N LEU A 601 11.09 0.60 29.70
CA LEU A 601 12.35 1.17 30.14
C LEU A 601 13.36 1.03 29.00
N PRO A 602 13.95 2.12 28.52
CA PRO A 602 14.89 2.01 27.40
C PRO A 602 16.31 1.70 27.83
N TYR A 603 17.01 0.94 26.99
CA TYR A 603 18.42 0.67 27.22
C TYR A 603 19.32 1.69 26.53
N HIS A 604 19.03 1.98 25.26
CA HIS A 604 19.77 2.93 24.41
C HIS A 604 21.24 2.51 24.27
N PHE A 605 21.43 1.46 23.48
CA PHE A 605 22.72 0.92 23.03
C PHE A 605 23.71 2.00 22.61
N LYS A 606 24.87 2.02 23.25
CA LYS A 606 25.95 2.91 22.87
C LYS A 606 27.30 2.24 23.05
N LEU B 27 -9.55 -37.61 6.66
CA LEU B 27 -9.43 -38.32 5.39
C LEU B 27 -7.99 -38.32 4.91
N LYS B 28 -7.72 -37.61 3.80
CA LYS B 28 -6.38 -37.54 3.22
C LYS B 28 -5.78 -36.15 3.29
N ALA B 29 -6.51 -35.14 2.79
CA ALA B 29 -6.13 -33.72 2.84
C ALA B 29 -4.76 -33.45 2.19
N LEU B 30 -4.61 -33.94 0.97
CA LEU B 30 -3.50 -33.59 0.10
C LEU B 30 -3.77 -32.35 -0.72
N ALA B 31 -4.93 -31.72 -0.51
CA ALA B 31 -5.38 -30.67 -1.38
C ALA B 31 -4.66 -29.35 -1.15
N MET B 32 -4.24 -29.07 0.08
CA MET B 32 -3.55 -27.83 0.39
C MET B 32 -2.18 -27.70 -0.26
N LEU B 33 -1.64 -28.79 -0.79
CA LEU B 33 -0.37 -28.82 -1.52
C LEU B 33 -0.57 -29.16 -3.00
N SER B 34 -1.55 -30.00 -3.30
CA SER B 34 -1.89 -30.26 -4.69
C SER B 34 -2.50 -29.05 -5.38
N SER B 35 -3.05 -28.10 -4.62
CA SER B 35 -3.52 -26.87 -5.25
C SER B 35 -2.38 -26.04 -5.80
N ASP B 36 -1.20 -26.10 -5.19
CA ASP B 36 -0.05 -25.45 -5.82
C ASP B 36 0.54 -26.33 -6.91
N ALA B 37 0.47 -27.65 -6.73
CA ALA B 37 1.09 -28.52 -7.72
C ALA B 37 0.33 -28.54 -9.04
N LEU B 38 -0.89 -29.06 -9.06
CA LEU B 38 -1.61 -29.28 -10.30
C LEU B 38 -2.51 -28.11 -10.70
N SER B 39 -2.20 -26.90 -10.24
CA SER B 39 -2.82 -25.73 -10.84
C SER B 39 -2.12 -25.29 -12.10
N SER B 40 -0.94 -25.82 -12.35
CA SER B 40 -0.18 -25.45 -13.55
C SER B 40 -0.58 -26.39 -14.68
N VAL B 41 -1.83 -26.24 -15.13
CA VAL B 41 -2.30 -26.84 -16.35
C VAL B 41 -3.02 -25.77 -17.15
N ALA B 42 -2.76 -24.51 -16.80
CA ALA B 42 -3.52 -23.41 -17.39
C ALA B 42 -2.61 -22.32 -17.94
N TYR B 43 -1.45 -22.13 -17.33
CA TYR B 43 -0.65 -20.96 -17.66
C TYR B 43 0.75 -21.30 -18.14
N GLY B 44 1.47 -22.18 -17.45
CA GLY B 44 2.86 -22.37 -17.79
C GLY B 44 3.04 -23.63 -18.60
N THR B 45 1.96 -24.02 -19.29
CA THR B 45 1.93 -25.29 -20.00
C THR B 45 1.77 -25.09 -21.50
N GLU B 46 0.71 -24.45 -21.90
CA GLU B 46 0.45 -24.26 -23.30
C GLU B 46 0.49 -22.82 -23.71
N GLN B 47 0.16 -21.91 -22.78
CA GLN B 47 0.23 -20.49 -23.05
C GLN B 47 1.66 -20.08 -23.39
N ILE B 48 2.60 -20.31 -22.47
CA ILE B 48 3.96 -19.82 -22.68
C ILE B 48 4.69 -20.62 -23.76
N LEU B 49 4.55 -21.95 -23.71
CA LEU B 49 5.21 -22.81 -24.68
C LEU B 49 4.70 -22.56 -26.10
N ILE B 50 3.39 -22.48 -26.25
CA ILE B 50 2.81 -22.30 -27.57
C ILE B 50 3.03 -20.85 -28.05
N ILE B 51 3.12 -19.88 -27.13
CA ILE B 51 3.49 -18.51 -27.51
C ILE B 51 4.88 -18.47 -28.10
N LEU B 52 5.84 -19.18 -27.49
CA LEU B 52 7.19 -19.15 -28.04
C LEU B 52 7.27 -19.92 -29.37
N ALA B 53 6.55 -21.03 -29.48
CA ALA B 53 6.57 -21.79 -30.72
C ALA B 53 5.91 -21.03 -31.88
N THR B 54 4.83 -20.29 -31.60
CA THR B 54 4.21 -19.50 -32.67
C THR B 54 5.02 -18.26 -33.00
N ILE B 55 5.68 -17.64 -32.02
CA ILE B 55 6.48 -16.47 -32.32
C ILE B 55 7.75 -16.84 -33.08
N SER B 56 8.10 -18.13 -33.09
CA SER B 56 9.10 -18.53 -34.09
C SER B 56 8.55 -18.52 -35.51
N ALA B 57 7.61 -19.41 -35.81
CA ALA B 57 7.26 -19.69 -37.19
C ALA B 57 5.78 -19.91 -37.46
N ALA B 58 4.92 -19.87 -36.43
CA ALA B 58 3.47 -20.05 -36.52
C ALA B 58 3.06 -21.41 -37.10
N ALA B 59 3.95 -22.39 -37.08
CA ALA B 59 3.64 -23.76 -37.48
C ALA B 59 4.30 -24.65 -36.45
N PHE B 60 3.54 -24.99 -35.41
CA PHE B 60 4.06 -25.73 -34.27
C PHE B 60 3.63 -27.18 -34.37
N TRP B 61 4.59 -28.07 -34.16
CA TRP B 61 4.28 -29.46 -33.89
C TRP B 61 5.18 -30.00 -32.80
N TYR B 62 6.02 -29.15 -32.20
CA TYR B 62 6.91 -29.53 -31.12
C TYR B 62 6.24 -29.46 -29.76
N SER B 63 4.92 -29.42 -29.70
CA SER B 63 4.28 -29.44 -28.39
C SER B 63 4.37 -30.82 -27.76
N ILE B 64 4.21 -31.87 -28.55
CA ILE B 64 4.30 -33.23 -28.03
C ILE B 64 5.72 -33.63 -27.61
N PRO B 65 6.80 -33.38 -28.37
CA PRO B 65 8.13 -33.72 -27.82
C PRO B 65 8.54 -32.89 -26.62
N ILE B 66 8.19 -31.60 -26.59
CA ILE B 66 8.57 -30.81 -25.43
C ILE B 66 7.72 -31.18 -24.23
N ALA B 67 6.48 -31.62 -24.46
CA ALA B 67 5.67 -32.11 -23.35
C ALA B 67 6.23 -33.42 -22.80
N VAL B 68 6.74 -34.28 -23.67
CA VAL B 68 7.35 -35.52 -23.18
C VAL B 68 8.68 -35.22 -22.47
N GLY B 69 9.43 -34.22 -22.94
CA GLY B 69 10.66 -33.85 -22.26
C GLY B 69 10.41 -33.24 -20.89
N VAL B 70 9.37 -32.41 -20.77
CA VAL B 70 8.98 -31.89 -19.47
C VAL B 70 8.49 -33.02 -18.55
N LEU B 71 7.80 -34.02 -19.10
CA LEU B 71 7.42 -35.15 -18.25
C LEU B 71 8.61 -35.98 -17.81
N ILE B 72 9.65 -36.07 -18.64
CA ILE B 72 10.85 -36.78 -18.23
C ILE B 72 11.57 -36.03 -17.11
N LEU B 73 11.64 -34.71 -17.24
CA LEU B 73 12.21 -33.91 -16.16
C LEU B 73 11.36 -33.96 -14.90
N LEU B 74 10.04 -34.13 -15.04
CA LEU B 74 9.18 -34.33 -13.89
C LEU B 74 9.47 -35.66 -13.20
N LEU B 75 9.70 -36.71 -13.99
CA LEU B 75 10.03 -38.00 -13.40
C LEU B 75 11.35 -37.96 -12.64
N ALA B 76 12.33 -37.24 -13.19
CA ALA B 76 13.60 -37.05 -12.48
C ALA B 76 13.40 -36.28 -11.18
N LEU B 77 12.57 -35.24 -11.21
CA LEU B 77 12.35 -34.45 -9.99
C LEU B 77 11.54 -35.20 -8.96
N ILE B 78 10.59 -36.03 -9.39
CA ILE B 78 9.79 -36.73 -8.38
C ILE B 78 10.60 -37.86 -7.76
N LEU B 79 11.52 -38.48 -8.51
CA LEU B 79 12.36 -39.48 -7.84
C LEU B 79 13.41 -38.83 -6.95
N SER B 80 13.92 -37.65 -7.33
CA SER B 80 14.87 -36.97 -6.47
C SER B 80 14.22 -36.48 -5.19
N TYR B 81 12.98 -36.02 -5.25
CA TYR B 81 12.33 -35.61 -4.02
C TYR B 81 11.81 -36.78 -3.21
N ARG B 82 11.55 -37.94 -3.83
CA ARG B 82 11.34 -39.15 -3.05
C ARG B 82 12.61 -39.52 -2.28
N GLN B 83 13.77 -39.31 -2.89
CA GLN B 83 15.04 -39.55 -2.19
C GLN B 83 15.25 -38.57 -1.04
N ILE B 84 14.93 -37.29 -1.26
CA ILE B 84 15.10 -36.30 -0.19
C ILE B 84 14.14 -36.56 0.97
N ILE B 85 12.91 -36.97 0.68
CA ILE B 85 11.98 -37.24 1.76
C ILE B 85 12.34 -38.53 2.50
N TYR B 86 12.83 -39.55 1.77
CA TYR B 86 13.30 -40.75 2.44
C TYR B 86 14.59 -40.55 3.22
N ALA B 87 15.35 -39.50 2.91
CA ALA B 87 16.55 -39.22 3.69
C ALA B 87 16.30 -38.28 4.86
N TYR B 88 15.17 -37.58 4.88
CA TYR B 88 14.86 -36.61 5.94
C TYR B 88 13.43 -36.83 6.39
N PRO B 89 13.21 -37.60 7.46
CA PRO B 89 11.87 -37.64 8.05
C PRO B 89 11.49 -36.33 8.71
N GLN B 90 12.45 -35.51 9.13
CA GLN B 90 12.16 -34.13 9.50
C GLN B 90 11.62 -33.36 8.29
N GLY B 91 12.26 -33.54 7.14
CA GLY B 91 11.66 -33.21 5.87
C GLY B 91 11.67 -31.76 5.46
N GLY B 92 12.38 -30.89 6.15
CA GLY B 92 12.49 -29.52 5.69
C GLY B 92 13.34 -29.43 4.44
N GLY B 93 12.72 -29.20 3.30
CA GLY B 93 13.38 -29.27 2.03
C GLY B 93 13.87 -27.93 1.50
N ALA B 94 14.88 -28.02 0.63
CA ALA B 94 15.34 -26.98 -0.29
C ALA B 94 16.05 -25.80 0.37
N TYR B 95 16.06 -25.74 1.70
CA TYR B 95 16.93 -24.81 2.40
C TYR B 95 17.89 -25.54 3.33
N ILE B 96 17.36 -26.42 4.18
CA ILE B 96 18.14 -27.06 5.23
C ILE B 96 19.21 -27.95 4.62
N VAL B 97 18.88 -28.67 3.56
CA VAL B 97 19.86 -29.51 2.88
C VAL B 97 20.93 -28.65 2.21
N SER B 98 20.53 -27.50 1.66
CA SER B 98 21.48 -26.62 1.00
C SER B 98 22.45 -25.99 1.98
N LYS B 99 21.94 -25.57 3.15
CA LYS B 99 22.81 -24.95 4.14
C LYS B 99 23.73 -25.98 4.78
N GLU B 100 23.17 -27.11 5.22
CA GLU B 100 24.00 -28.07 5.93
C GLU B 100 24.90 -28.88 5.02
N ASN B 101 24.72 -28.84 3.71
CA ASN B 101 25.66 -29.51 2.82
C ASN B 101 26.34 -28.55 1.86
N LEU B 102 26.20 -27.24 2.06
CA LEU B 102 26.95 -26.30 1.23
C LEU B 102 27.64 -25.24 2.06
N GLY B 103 27.05 -24.87 3.20
CA GLY B 103 27.69 -23.90 4.07
C GLY B 103 26.86 -22.67 4.38
N GLU B 104 27.44 -21.49 4.17
CA GLU B 104 26.79 -20.23 4.52
C GLU B 104 26.54 -19.33 3.32
N LYS B 105 27.56 -19.04 2.52
CA LYS B 105 27.38 -18.17 1.36
C LYS B 105 26.53 -18.87 0.29
N PRO B 106 26.65 -20.18 0.04
CA PRO B 106 25.52 -20.89 -0.55
C PRO B 106 24.66 -21.50 0.54
N GLY B 107 23.45 -21.87 0.15
CA GLY B 107 22.49 -22.33 1.12
C GLY B 107 21.58 -21.20 1.54
N LEU B 108 22.14 -20.00 1.65
CA LEU B 108 21.36 -18.82 1.94
C LEU B 108 20.70 -18.26 0.69
N ILE B 109 21.34 -18.46 -0.47
CA ILE B 109 20.74 -18.05 -1.73
C ILE B 109 19.53 -18.91 -2.03
N ALA B 110 19.49 -20.13 -1.50
CA ALA B 110 18.28 -20.94 -1.56
C ALA B 110 17.14 -20.28 -0.78
N GLY B 111 17.45 -19.63 0.35
CA GLY B 111 16.43 -18.91 1.07
C GLY B 111 15.95 -17.68 0.32
N GLY B 112 16.88 -16.94 -0.29
CA GLY B 112 16.48 -15.79 -1.09
C GLY B 112 15.64 -16.17 -2.29
N SER B 113 15.99 -17.27 -2.94
CA SER B 113 15.22 -17.68 -4.10
C SER B 113 13.90 -18.33 -3.71
N LEU B 114 13.78 -18.92 -2.53
CA LEU B 114 12.45 -19.31 -2.08
C LEU B 114 11.59 -18.11 -1.72
N LEU B 115 12.19 -17.00 -1.27
CA LEU B 115 11.40 -15.79 -1.12
C LEU B 115 10.88 -15.29 -2.47
N VAL B 116 11.74 -15.28 -3.49
CA VAL B 116 11.31 -14.85 -4.81
C VAL B 116 10.26 -15.82 -5.38
N ASP B 117 10.38 -17.10 -5.05
CA ASP B 117 9.38 -18.06 -5.49
C ASP B 117 8.04 -17.87 -4.78
N TYR B 118 8.03 -17.46 -3.52
CA TYR B 118 6.75 -17.26 -2.84
C TYR B 118 6.05 -16.01 -3.34
N ILE B 119 6.79 -14.91 -3.47
CA ILE B 119 6.25 -13.68 -4.05
C ILE B 119 5.70 -13.95 -5.45
N LEU B 120 6.44 -14.67 -6.26
CA LEU B 120 5.96 -14.90 -7.60
C LEU B 120 4.91 -15.98 -7.70
N THR B 121 4.80 -16.90 -6.74
CA THR B 121 3.71 -17.85 -6.89
C THR B 121 2.39 -17.20 -6.53
N VAL B 122 2.37 -16.25 -5.60
CA VAL B 122 1.08 -15.59 -5.41
C VAL B 122 0.79 -14.60 -6.55
N ALA B 123 1.82 -13.95 -7.10
CA ALA B 123 1.59 -13.04 -8.24
C ALA B 123 1.15 -13.78 -9.49
N VAL B 124 1.81 -14.89 -9.83
CA VAL B 124 1.51 -15.59 -11.07
C VAL B 124 0.20 -16.36 -10.94
N SER B 125 -0.09 -16.94 -9.78
CA SER B 125 -1.36 -17.63 -9.62
C SER B 125 -2.54 -16.65 -9.69
N ILE B 126 -2.40 -15.45 -9.11
CA ILE B 126 -3.50 -14.50 -9.22
C ILE B 126 -3.62 -13.93 -10.63
N SER B 127 -2.49 -13.70 -11.30
CA SER B 127 -2.56 -13.13 -12.64
C SER B 127 -3.16 -14.12 -13.64
N ALA B 128 -2.84 -15.41 -13.51
CA ALA B 128 -3.52 -16.40 -14.34
C ALA B 128 -4.96 -16.59 -13.92
N GLY B 129 -5.28 -16.35 -12.64
CA GLY B 129 -6.67 -16.40 -12.23
C GLY B 129 -7.53 -15.33 -12.88
N THR B 130 -6.99 -14.11 -12.99
CA THR B 130 -7.75 -13.09 -13.70
C THR B 130 -7.73 -13.33 -15.20
N ASP B 131 -6.67 -13.90 -15.75
CA ASP B 131 -6.70 -14.21 -17.17
C ASP B 131 -7.62 -15.37 -17.50
N ALA B 132 -8.01 -16.17 -16.50
CA ALA B 132 -9.04 -17.17 -16.70
C ALA B 132 -10.41 -16.75 -16.20
N ILE B 133 -10.54 -15.58 -15.58
CA ILE B 133 -11.87 -15.05 -15.27
C ILE B 133 -12.30 -13.92 -16.21
N THR B 134 -11.38 -13.32 -16.96
CA THR B 134 -11.79 -12.42 -18.03
C THR B 134 -11.75 -13.14 -19.38
N SER B 135 -12.14 -14.40 -19.38
CA SER B 135 -12.45 -15.11 -20.59
C SER B 135 -13.80 -15.79 -20.53
N ALA B 136 -14.44 -15.84 -19.36
CA ALA B 136 -15.83 -16.22 -19.25
C ALA B 136 -16.74 -15.02 -19.46
N PHE B 137 -16.34 -13.86 -18.96
CA PHE B 137 -17.11 -12.63 -19.08
C PHE B 137 -16.21 -11.55 -19.66
N PRO B 138 -15.92 -11.61 -20.96
CA PRO B 138 -14.81 -10.83 -21.52
C PRO B 138 -15.05 -9.34 -21.63
N ALA B 139 -16.23 -8.85 -21.26
CA ALA B 139 -16.50 -7.42 -21.32
C ALA B 139 -15.69 -6.65 -20.30
N LEU B 140 -15.29 -7.28 -19.21
CA LEU B 140 -14.49 -6.62 -18.19
C LEU B 140 -13.00 -6.83 -18.39
N HIS B 141 -12.57 -7.12 -19.61
CA HIS B 141 -11.15 -7.30 -19.90
C HIS B 141 -10.45 -5.98 -20.15
N ASP B 142 -11.17 -4.86 -20.07
CA ASP B 142 -10.51 -3.56 -20.14
C ASP B 142 -9.69 -3.30 -18.89
N TYR B 143 -10.26 -3.50 -17.72
CA TYR B 143 -9.51 -3.40 -16.47
C TYR B 143 -9.41 -4.81 -15.90
N HIS B 144 -8.19 -5.35 -15.86
CA HIS B 144 -7.97 -6.63 -15.18
C HIS B 144 -6.66 -6.63 -14.39
N VAL B 145 -5.94 -5.51 -14.37
CA VAL B 145 -5.02 -5.24 -13.28
C VAL B 145 -5.77 -5.00 -11.97
N PRO B 146 -6.88 -4.21 -11.89
CA PRO B 146 -7.54 -4.09 -10.59
C PRO B 146 -8.55 -5.18 -10.26
N ILE B 147 -8.52 -6.30 -10.96
CA ILE B 147 -9.22 -7.48 -10.45
C ILE B 147 -8.17 -8.33 -9.76
N ALA B 148 -6.94 -8.26 -10.26
CA ALA B 148 -5.84 -9.00 -9.64
C ALA B 148 -5.53 -8.46 -8.26
N ILE B 149 -5.50 -7.14 -8.12
CA ILE B 149 -5.25 -6.57 -6.80
C ILE B 149 -6.41 -6.84 -5.88
N PHE B 150 -7.62 -6.93 -6.41
CA PHE B 150 -8.77 -7.26 -5.57
C PHE B 150 -8.72 -8.70 -5.10
N LEU B 151 -8.26 -9.63 -5.94
CA LEU B 151 -8.21 -11.02 -5.51
C LEU B 151 -7.05 -11.26 -4.54
N VAL B 152 -5.92 -10.57 -4.76
CA VAL B 152 -4.82 -10.61 -3.80
C VAL B 152 -5.28 -10.04 -2.46
N LEU B 153 -6.09 -8.98 -2.50
CA LEU B 153 -6.55 -8.37 -1.26
C LEU B 153 -7.58 -9.22 -0.54
N VAL B 154 -8.45 -9.92 -1.27
CA VAL B 154 -9.42 -10.74 -0.57
C VAL B 154 -8.75 -12.00 -0.01
N ILE B 155 -7.69 -12.50 -0.66
CA ILE B 155 -6.96 -13.62 -0.09
C ILE B 155 -6.14 -13.18 1.12
N MET B 156 -5.58 -11.97 1.05
CA MET B 156 -4.83 -11.42 2.18
C MET B 156 -5.74 -11.15 3.37
N ILE B 157 -6.97 -10.69 3.12
CA ILE B 157 -7.92 -10.45 4.19
C ILE B 157 -8.38 -11.77 4.79
N LEU B 158 -8.74 -12.75 3.95
CA LEU B 158 -9.22 -14.02 4.45
C LEU B 158 -8.12 -14.85 5.11
N ASN B 159 -6.85 -14.50 4.88
CA ASN B 159 -5.80 -15.05 5.71
C ASN B 159 -5.52 -14.23 6.97
N LEU B 160 -5.80 -12.92 6.97
CA LEU B 160 -5.51 -12.14 8.16
C LEU B 160 -6.59 -12.29 9.22
N ARG B 161 -7.79 -11.77 8.95
CA ARG B 161 -8.82 -11.67 9.98
C ARG B 161 -9.69 -12.90 10.05
N GLY B 162 -9.98 -13.52 8.92
CA GLY B 162 -10.78 -14.73 8.94
C GLY B 162 -10.04 -15.89 9.57
N LEU B 163 -8.82 -16.16 9.10
CA LEU B 163 -7.95 -17.25 9.55
C LEU B 163 -8.66 -18.58 9.50
N SER B 164 -9.07 -18.95 8.29
CA SER B 164 -9.96 -20.12 8.15
C SER B 164 -9.20 -21.42 8.32
N GLU B 165 -8.29 -21.72 7.38
CA GLU B 165 -7.49 -22.95 7.34
C GLU B 165 -8.36 -24.21 7.51
N SER B 166 -9.51 -24.21 6.86
CA SER B 166 -10.55 -25.20 7.13
C SER B 166 -10.25 -26.51 6.41
N ALA B 167 -11.21 -27.42 6.43
CA ALA B 167 -11.06 -28.74 5.83
C ALA B 167 -12.08 -29.00 4.72
N SER B 168 -12.86 -28.01 4.34
CA SER B 168 -13.82 -28.16 3.25
C SER B 168 -13.57 -27.18 2.11
N ILE B 169 -13.40 -25.90 2.41
CA ILE B 169 -13.24 -24.90 1.36
C ILE B 169 -11.85 -25.01 0.73
N LEU B 170 -10.87 -25.47 1.48
CA LEU B 170 -9.53 -25.65 0.92
C LEU B 170 -9.32 -27.05 0.37
N ALA B 171 -10.35 -27.90 0.35
CA ALA B 171 -10.15 -29.28 -0.04
C ALA B 171 -11.20 -29.84 -0.99
N TYR B 172 -12.33 -29.19 -1.18
CA TYR B 172 -13.28 -29.60 -2.22
C TYR B 172 -12.97 -29.12 -3.65
N PRO B 173 -12.57 -27.86 -3.91
CA PRO B 173 -12.38 -27.45 -5.31
C PRO B 173 -11.21 -28.11 -6.01
N VAL B 174 -10.23 -28.66 -5.31
CA VAL B 174 -9.20 -29.42 -6.01
C VAL B 174 -9.77 -30.72 -6.56
N TYR B 175 -10.66 -31.36 -5.80
CA TYR B 175 -11.36 -32.54 -6.29
C TYR B 175 -12.30 -32.20 -7.44
N LEU B 176 -13.00 -31.07 -7.33
CA LEU B 176 -13.89 -30.64 -8.41
C LEU B 176 -13.10 -30.31 -9.67
N PHE B 177 -11.92 -29.71 -9.52
CA PHE B 177 -11.09 -29.36 -10.67
C PHE B 177 -10.53 -30.58 -11.36
N VAL B 178 -10.07 -31.55 -10.57
CA VAL B 178 -9.51 -32.76 -11.15
C VAL B 178 -10.59 -33.54 -11.89
N VAL B 179 -11.79 -33.66 -11.31
CA VAL B 179 -12.83 -34.39 -12.02
C VAL B 179 -13.38 -33.58 -13.21
N ALA B 180 -13.31 -32.25 -13.15
CA ALA B 180 -13.79 -31.43 -14.25
C ALA B 180 -12.86 -31.50 -15.46
N LEU B 181 -11.57 -31.28 -15.23
CA LEU B 181 -10.63 -31.39 -16.34
C LEU B 181 -10.50 -32.83 -16.84
N LEU B 182 -10.73 -33.82 -15.97
CA LEU B 182 -10.74 -35.19 -16.44
C LEU B 182 -11.92 -35.49 -17.36
N VAL B 183 -13.13 -35.03 -16.99
CA VAL B 183 -14.27 -35.32 -17.86
C VAL B 183 -14.20 -34.47 -19.12
N LEU B 184 -13.57 -33.29 -19.06
CA LEU B 184 -13.35 -32.50 -20.27
C LEU B 184 -12.35 -33.16 -21.19
N ILE B 185 -11.25 -33.69 -20.64
CA ILE B 185 -10.27 -34.38 -21.47
C ILE B 185 -10.87 -35.64 -22.08
N ALA B 186 -11.76 -36.32 -21.34
CA ALA B 186 -12.47 -37.47 -21.86
C ALA B 186 -13.35 -37.11 -23.06
N VAL B 187 -14.22 -36.12 -22.90
CA VAL B 187 -15.12 -35.79 -24.00
C VAL B 187 -14.38 -35.11 -25.15
N GLY B 188 -13.26 -34.44 -24.85
CA GLY B 188 -12.51 -33.78 -25.90
C GLY B 188 -11.72 -34.75 -26.75
N LEU B 189 -11.12 -35.75 -26.12
CA LEU B 189 -10.49 -36.79 -26.90
C LEU B 189 -11.52 -37.66 -27.61
N PHE B 190 -12.73 -37.76 -27.05
CA PHE B 190 -13.80 -38.47 -27.75
C PHE B 190 -14.23 -37.70 -29.01
N LYS B 191 -14.25 -36.38 -28.93
CA LYS B 191 -14.59 -35.56 -30.09
C LYS B 191 -13.46 -35.57 -31.11
N LEU B 192 -12.21 -35.57 -30.66
CA LEU B 192 -11.08 -35.68 -31.58
C LEU B 192 -11.02 -37.07 -32.20
N MET B 193 -11.54 -38.06 -31.51
CA MET B 193 -11.66 -39.41 -32.04
C MET B 193 -12.96 -39.51 -32.84
N THR B 194 -13.41 -40.74 -33.11
CA THR B 194 -14.46 -41.18 -34.05
C THR B 194 -14.44 -40.44 -35.39
N GLY B 195 -13.24 -40.15 -35.89
CA GLY B 195 -13.04 -39.72 -37.26
C GLY B 195 -13.64 -38.39 -37.63
N GLN B 196 -13.91 -37.53 -36.67
CA GLN B 196 -14.55 -36.24 -36.92
C GLN B 196 -13.54 -35.12 -36.75
N ILE B 197 -13.49 -34.22 -37.72
CA ILE B 197 -12.65 -33.03 -37.63
C ILE B 197 -13.44 -31.91 -36.97
N ASP B 198 -12.86 -31.33 -35.93
CA ASP B 198 -13.48 -30.20 -35.24
C ASP B 198 -12.67 -28.92 -35.37
N GLN B 199 -11.56 -28.96 -36.11
CA GLN B 199 -10.92 -27.76 -36.62
C GLN B 199 -10.26 -28.16 -37.93
N PRO B 200 -10.77 -27.72 -39.08
CA PRO B 200 -10.25 -28.23 -40.37
C PRO B 200 -8.86 -27.73 -40.72
N ALA B 201 -8.35 -26.71 -40.04
CA ALA B 201 -6.95 -26.32 -40.16
C ALA B 201 -6.14 -27.15 -39.19
N HIS B 202 -5.19 -27.91 -39.72
CA HIS B 202 -4.38 -28.79 -38.89
C HIS B 202 -3.01 -28.98 -39.53
N HIS B 203 -1.99 -29.00 -38.69
CA HIS B 203 -0.61 -29.16 -39.13
C HIS B 203 -0.31 -30.65 -39.32
N THR B 204 0.95 -30.99 -39.49
CA THR B 204 1.34 -32.36 -39.80
C THR B 204 1.37 -33.20 -38.53
N SER B 205 1.85 -34.45 -38.65
CA SER B 205 1.91 -35.34 -37.51
C SER B 205 3.33 -35.80 -37.20
N LEU B 206 4.04 -36.35 -38.17
CA LEU B 206 5.36 -36.93 -37.98
C LEU B 206 6.36 -36.25 -38.90
N GLY B 207 7.50 -35.84 -38.34
CA GLY B 207 8.52 -35.19 -39.14
C GLY B 207 8.07 -33.81 -39.57
N THR B 208 8.30 -33.50 -40.86
CA THR B 208 8.01 -32.24 -41.55
C THR B 208 8.58 -31.05 -40.80
N PRO B 209 9.90 -30.83 -40.86
CA PRO B 209 10.48 -29.68 -40.16
C PRO B 209 10.10 -28.37 -40.83
N VAL B 210 10.19 -27.30 -40.07
CA VAL B 210 9.78 -25.97 -40.50
C VAL B 210 10.98 -25.04 -40.40
N ALA B 211 11.24 -24.27 -41.45
CA ALA B 211 12.34 -23.33 -41.48
C ALA B 211 12.11 -22.22 -40.45
N GLY B 212 13.22 -21.63 -39.99
CA GLY B 212 13.15 -20.66 -38.92
C GLY B 212 13.05 -21.28 -37.55
N ILE B 213 13.58 -22.49 -37.37
CA ILE B 213 13.49 -23.22 -36.11
C ILE B 213 14.84 -23.87 -35.87
N THR B 214 15.47 -23.55 -34.74
CA THR B 214 16.75 -24.12 -34.35
C THR B 214 16.57 -25.00 -33.12
N LEU B 215 17.64 -25.72 -32.77
CA LEU B 215 17.64 -26.44 -31.50
C LEU B 215 17.75 -25.49 -30.33
N PHE B 216 18.36 -24.32 -30.55
CA PHE B 216 18.39 -23.29 -29.50
C PHE B 216 16.99 -22.80 -29.18
N LEU B 217 16.16 -22.60 -30.21
CA LEU B 217 14.79 -22.16 -29.95
C LEU B 217 13.95 -23.29 -29.39
N LEU B 218 14.23 -24.54 -29.77
CA LEU B 218 13.49 -25.65 -29.18
C LEU B 218 13.81 -25.79 -27.70
N LEU B 219 15.08 -25.63 -27.33
CA LEU B 219 15.42 -25.65 -25.91
C LEU B 219 14.95 -24.40 -25.19
N LYS B 220 14.78 -23.29 -25.92
CA LYS B 220 14.15 -22.10 -25.36
C LYS B 220 12.70 -22.37 -25.01
N ALA B 221 11.99 -23.07 -25.89
CA ALA B 221 10.61 -23.46 -25.59
C ALA B 221 10.56 -24.50 -24.50
N PHE B 222 11.56 -25.37 -24.40
CA PHE B 222 11.61 -26.32 -23.30
C PHE B 222 11.85 -25.64 -21.98
N SER B 223 12.62 -24.56 -21.97
CA SER B 223 12.86 -23.83 -20.74
C SER B 223 11.62 -23.07 -20.31
N SER B 224 11.02 -22.32 -21.24
CA SER B 224 9.86 -21.52 -20.89
C SER B 224 8.65 -22.37 -20.57
N GLY B 225 8.56 -23.55 -21.16
CA GLY B 225 7.51 -24.47 -20.85
C GLY B 225 7.85 -25.46 -19.76
N CYS B 226 9.00 -25.31 -19.12
CA CYS B 226 9.33 -26.17 -18.00
C CYS B 226 8.60 -25.74 -16.74
N SER B 227 8.02 -24.54 -16.73
CA SER B 227 7.34 -24.02 -15.55
C SER B 227 6.01 -24.68 -15.27
N ALA B 228 5.64 -25.79 -15.92
CA ALA B 228 4.46 -26.53 -15.48
C ALA B 228 4.73 -27.29 -14.19
N LEU B 229 5.96 -27.74 -14.01
CA LEU B 229 6.29 -28.53 -12.82
C LEU B 229 6.91 -27.70 -11.70
N THR B 230 6.26 -26.61 -11.31
CA THR B 230 6.74 -25.79 -10.19
C THR B 230 5.94 -26.04 -8.92
N GLY B 231 5.47 -27.25 -8.71
CA GLY B 231 4.60 -27.48 -7.59
C GLY B 231 5.06 -28.54 -6.61
N VAL B 232 6.02 -29.37 -7.02
CA VAL B 232 6.49 -30.43 -6.16
C VAL B 232 7.32 -29.89 -5.00
N GLU B 233 7.84 -28.67 -5.14
CA GLU B 233 8.50 -27.98 -4.04
C GLU B 233 7.56 -27.77 -2.85
N ALA B 234 6.26 -27.63 -3.12
CA ALA B 234 5.31 -27.44 -2.04
C ALA B 234 5.16 -28.69 -1.17
N ILE B 235 5.20 -29.87 -1.79
CA ILE B 235 5.14 -31.07 -0.96
C ILE B 235 6.51 -31.40 -0.40
N SER B 236 7.58 -30.81 -0.94
CA SER B 236 8.88 -30.99 -0.30
C SER B 236 9.15 -29.97 0.80
N ASN B 237 8.32 -28.93 0.93
CA ASN B 237 8.54 -27.89 1.92
C ASN B 237 7.47 -27.85 3.00
N ALA B 238 6.47 -28.70 2.92
CA ALA B 238 5.36 -28.72 3.86
C ALA B 238 5.07 -30.15 4.30
N ILE B 239 6.13 -30.83 4.75
CA ILE B 239 6.00 -32.23 5.15
C ILE B 239 5.04 -32.50 6.31
N PRO B 240 5.12 -31.77 7.51
CA PRO B 240 4.53 -32.38 8.72
C PRO B 240 3.00 -32.29 8.78
N ALA B 241 2.46 -32.69 9.92
CA ALA B 241 1.02 -32.93 10.15
C ALA B 241 0.50 -33.97 9.14
N PHE B 242 1.06 -35.17 9.29
CA PHE B 242 0.62 -36.34 8.54
C PHE B 242 0.01 -37.44 9.40
N LYS B 243 0.34 -37.48 10.70
CA LYS B 243 -0.25 -38.39 11.70
C LYS B 243 -0.02 -39.86 11.35
N ASN B 244 1.14 -40.17 10.77
CA ASN B 244 1.51 -41.52 10.36
C ASN B 244 3.04 -41.60 10.37
N PRO B 245 3.65 -42.73 10.05
CA PRO B 245 5.07 -42.73 9.68
C PRO B 245 5.30 -41.79 8.50
N PRO B 246 6.38 -41.00 8.52
CA PRO B 246 6.57 -39.98 7.47
C PRO B 246 6.91 -40.57 6.11
N ALA B 247 7.77 -41.58 6.05
CA ALA B 247 8.07 -42.25 4.79
C ALA B 247 6.91 -43.16 4.39
N ARG B 248 6.90 -43.52 3.10
CA ARG B 248 5.96 -44.42 2.45
C ARG B 248 4.50 -43.95 2.45
N ASN B 249 4.22 -42.76 2.99
CA ASN B 249 2.89 -42.19 2.95
C ASN B 249 2.86 -40.84 2.23
N ALA B 250 3.69 -39.89 2.66
CA ALA B 250 3.83 -38.64 1.93
C ALA B 250 4.54 -38.86 0.61
N ALA B 251 5.40 -39.87 0.54
CA ALA B 251 6.02 -40.23 -0.73
C ALA B 251 4.99 -40.74 -1.73
N ARG B 252 4.02 -41.52 -1.27
CA ARG B 252 3.00 -42.00 -2.20
C ARG B 252 1.97 -40.92 -2.52
N THR B 253 1.76 -39.97 -1.60
CA THR B 253 0.95 -38.80 -1.92
C THR B 253 1.61 -37.97 -3.02
N LEU B 254 2.92 -37.76 -2.91
CA LEU B 254 3.67 -37.09 -3.96
C LEU B 254 3.65 -37.88 -5.27
N ALA B 255 3.65 -39.22 -5.18
CA ALA B 255 3.57 -40.05 -6.38
C ALA B 255 2.23 -39.89 -7.10
N MET B 256 1.14 -39.90 -6.34
CA MET B 256 -0.19 -39.70 -6.94
C MET B 256 -0.33 -38.31 -7.53
N MET B 257 0.21 -37.29 -6.86
CA MET B 257 0.17 -35.93 -7.39
C MET B 257 0.99 -35.81 -8.67
N GLY B 258 2.15 -36.47 -8.71
CA GLY B 258 2.97 -36.45 -9.90
C GLY B 258 2.31 -37.11 -11.09
N ILE B 259 1.65 -38.25 -10.85
CA ILE B 259 1.00 -38.91 -11.99
C ILE B 259 -0.25 -38.14 -12.42
N LEU B 260 -0.90 -37.42 -11.49
CA LEU B 260 -2.08 -36.64 -11.88
C LEU B 260 -1.70 -35.42 -12.68
N LEU B 261 -0.63 -34.72 -12.27
CA LEU B 261 -0.13 -33.61 -13.08
C LEU B 261 0.39 -34.11 -14.41
N ALA B 262 0.97 -35.31 -14.45
CA ALA B 262 1.49 -35.84 -15.69
C ALA B 262 0.38 -36.09 -16.70
N ILE B 263 -0.66 -36.83 -16.30
CA ILE B 263 -1.70 -37.11 -17.26
C ILE B 263 -2.57 -35.89 -17.55
N LEU B 264 -2.66 -34.93 -16.61
CA LEU B 264 -3.49 -33.76 -16.84
C LEU B 264 -2.81 -32.81 -17.83
N PHE B 265 -1.53 -32.54 -17.62
CA PHE B 265 -0.76 -31.71 -18.54
C PHE B 265 -0.62 -32.37 -19.90
N SER B 266 -0.46 -33.70 -19.94
CA SER B 266 -0.38 -34.36 -21.23
C SER B 266 -1.71 -34.36 -21.95
N GLY B 267 -2.83 -34.46 -21.22
CA GLY B 267 -4.13 -34.38 -21.88
C GLY B 267 -4.45 -32.99 -22.42
N ILE B 268 -4.08 -31.94 -21.66
CA ILE B 268 -4.32 -30.59 -22.14
C ILE B 268 -3.44 -30.28 -23.35
N THR B 269 -2.17 -30.73 -23.35
CA THR B 269 -1.37 -30.47 -24.53
C THR B 269 -1.75 -31.37 -25.71
N VAL B 270 -2.32 -32.54 -25.48
CA VAL B 270 -2.71 -33.34 -26.64
C VAL B 270 -4.03 -32.84 -27.20
N LEU B 271 -4.86 -32.20 -26.38
CA LEU B 271 -6.05 -31.56 -26.94
C LEU B 271 -5.68 -30.28 -27.67
N ALA B 272 -4.72 -29.51 -27.15
CA ALA B 272 -4.34 -28.27 -27.82
C ALA B 272 -3.57 -28.54 -29.10
N TYR B 273 -2.85 -29.65 -29.18
CA TYR B 273 -2.35 -30.06 -30.49
C TYR B 273 -3.45 -30.68 -31.33
N GLY B 274 -4.51 -31.20 -30.70
CA GLY B 274 -5.58 -31.83 -31.45
C GLY B 274 -6.38 -30.85 -32.29
N TYR B 275 -6.69 -29.70 -31.74
CA TYR B 275 -7.38 -28.67 -32.48
C TYR B 275 -6.34 -27.68 -33.00
N GLY B 276 -6.80 -26.54 -33.50
CA GLY B 276 -5.87 -25.50 -33.88
C GLY B 276 -5.22 -24.87 -32.67
N THR B 277 -6.01 -24.18 -31.86
CA THR B 277 -5.62 -23.58 -30.58
C THR B 277 -4.41 -22.68 -30.70
N ALA B 278 -4.60 -21.59 -31.41
CA ALA B 278 -3.62 -20.53 -31.41
C ALA B 278 -3.62 -19.84 -30.04
N PRO B 279 -2.50 -19.28 -29.62
CA PRO B 279 -2.48 -18.53 -28.36
C PRO B 279 -2.99 -17.11 -28.52
N LYS B 280 -4.30 -16.93 -28.46
CA LYS B 280 -4.88 -15.61 -28.67
C LYS B 280 -4.57 -14.69 -27.49
N PRO B 281 -4.31 -13.40 -27.74
CA PRO B 281 -3.83 -12.53 -26.66
C PRO B 281 -4.92 -12.00 -25.74
N ASP B 282 -6.10 -12.61 -25.76
CA ASP B 282 -7.12 -12.30 -24.79
C ASP B 282 -7.63 -13.50 -24.01
N GLU B 283 -7.41 -14.73 -24.49
CA GLU B 283 -7.95 -15.90 -23.81
C GLU B 283 -6.84 -16.92 -23.56
N THR B 284 -7.09 -17.83 -22.64
CA THR B 284 -6.13 -18.86 -22.28
C THR B 284 -6.22 -20.01 -23.27
N VAL B 285 -5.59 -21.14 -22.94
CA VAL B 285 -5.62 -22.30 -23.82
C VAL B 285 -6.71 -23.25 -23.36
N VAL B 286 -6.92 -23.33 -22.04
CA VAL B 286 -8.01 -24.18 -21.56
C VAL B 286 -9.37 -23.59 -21.92
N SER B 287 -9.45 -22.27 -22.13
CA SER B 287 -10.70 -21.67 -22.56
C SER B 287 -11.05 -22.06 -23.99
N GLN B 288 -10.06 -22.01 -24.89
CA GLN B 288 -10.28 -22.42 -26.27
C GLN B 288 -10.56 -23.90 -26.38
N ILE B 289 -9.92 -24.71 -25.52
CA ILE B 289 -10.18 -26.15 -25.50
C ILE B 289 -11.62 -26.43 -25.11
N ALA B 290 -12.09 -25.80 -24.03
CA ALA B 290 -13.47 -26.00 -23.58
C ALA B 290 -14.46 -25.43 -24.59
N SER B 291 -14.10 -24.32 -25.23
CA SER B 291 -15.01 -23.64 -26.15
C SER B 291 -15.26 -24.47 -27.40
N GLU B 292 -14.20 -24.85 -28.11
CA GLU B 292 -14.40 -25.72 -29.27
C GLU B 292 -14.70 -27.17 -28.89
N THR B 293 -14.62 -27.55 -27.61
CA THR B 293 -14.99 -28.92 -27.30
C THR B 293 -16.46 -29.07 -26.96
N PHE B 294 -16.99 -28.21 -26.09
CA PHE B 294 -18.33 -28.45 -25.58
C PHE B 294 -19.17 -27.18 -25.67
N GLY B 295 -19.17 -26.55 -26.83
CA GLY B 295 -20.05 -25.42 -27.06
C GLY B 295 -19.52 -24.16 -26.41
N ARG B 296 -20.26 -23.08 -26.62
CA ARG B 296 -19.82 -21.81 -26.05
C ARG B 296 -20.19 -21.69 -24.59
N ASN B 297 -21.48 -21.74 -24.27
CA ASN B 297 -21.90 -21.58 -22.87
C ASN B 297 -23.00 -22.58 -22.55
N VAL B 298 -22.60 -23.79 -22.15
CA VAL B 298 -23.50 -24.71 -21.46
C VAL B 298 -22.81 -25.25 -20.21
N PHE B 299 -21.65 -25.87 -20.40
CA PHE B 299 -20.82 -26.44 -19.35
C PHE B 299 -19.52 -25.68 -19.20
N TYR B 300 -19.18 -24.83 -20.18
CA TYR B 300 -17.90 -24.14 -20.22
C TYR B 300 -17.71 -23.20 -19.04
N TYR B 301 -18.80 -22.72 -18.45
CA TYR B 301 -18.65 -21.76 -17.37
C TYR B 301 -18.17 -22.42 -16.09
N VAL B 302 -18.45 -23.70 -15.89
CA VAL B 302 -17.94 -24.35 -14.69
C VAL B 302 -16.45 -24.62 -14.81
N ILE B 303 -15.93 -24.76 -16.02
CA ILE B 303 -14.49 -24.97 -16.20
C ILE B 303 -13.72 -23.71 -15.88
N GLN B 304 -14.16 -22.57 -16.42
CA GLN B 304 -13.50 -21.31 -16.13
C GLN B 304 -13.67 -20.92 -14.67
N GLY B 305 -14.84 -21.24 -14.09
CA GLY B 305 -15.02 -20.99 -12.67
C GLY B 305 -14.08 -21.80 -11.80
N VAL B 306 -13.97 -23.10 -12.08
CA VAL B 306 -13.14 -23.93 -11.22
C VAL B 306 -11.66 -23.65 -11.45
N THR B 307 -11.27 -23.20 -12.65
CA THR B 307 -9.87 -22.86 -12.87
C THR B 307 -9.50 -21.55 -12.20
N SER B 308 -10.42 -20.58 -12.17
CA SER B 308 -10.16 -19.38 -11.39
C SER B 308 -10.06 -19.68 -9.90
N LEU B 309 -10.92 -20.59 -9.42
CA LEU B 309 -10.88 -20.96 -8.01
C LEU B 309 -9.59 -21.68 -7.65
N ILE B 310 -9.08 -22.51 -8.54
CA ILE B 310 -7.87 -23.27 -8.26
C ILE B 310 -6.65 -22.37 -8.27
N LEU B 311 -6.60 -21.40 -9.18
CA LEU B 311 -5.50 -20.44 -9.16
C LEU B 311 -5.54 -19.58 -7.90
N VAL B 312 -6.74 -19.23 -7.42
CA VAL B 312 -6.85 -18.51 -6.15
C VAL B 312 -6.33 -19.35 -4.98
N LEU B 313 -6.68 -20.64 -4.95
CA LEU B 313 -6.17 -21.50 -3.88
C LEU B 313 -4.66 -21.72 -3.97
N ALA B 314 -4.09 -21.66 -5.17
CA ALA B 314 -2.63 -21.74 -5.27
C ALA B 314 -1.97 -20.51 -4.67
N ALA B 315 -2.58 -19.34 -4.85
CA ALA B 315 -2.07 -18.15 -4.16
C ALA B 315 -2.17 -18.31 -2.65
N ASN B 316 -3.24 -18.95 -2.19
CA ASN B 316 -3.39 -19.22 -0.75
C ASN B 316 -2.32 -20.18 -0.25
N THR B 317 -1.90 -21.13 -1.07
CA THR B 317 -0.81 -22.03 -0.66
C THR B 317 0.52 -21.30 -0.59
N GLY B 318 0.74 -20.32 -1.48
CA GLY B 318 1.92 -19.47 -1.34
C GLY B 318 1.97 -18.71 -0.02
N PHE B 319 0.85 -18.08 0.35
CA PHE B 319 0.75 -17.43 1.65
C PHE B 319 0.93 -18.40 2.81
N SER B 320 0.38 -19.61 2.69
CA SER B 320 0.43 -20.55 3.80
C SER B 320 1.80 -21.18 3.98
N ALA B 321 2.60 -21.25 2.93
CA ALA B 321 3.93 -21.86 3.06
C ALA B 321 5.04 -20.84 3.17
N PHE B 322 4.75 -19.54 3.17
CA PHE B 322 5.75 -18.57 3.62
C PHE B 322 6.31 -18.79 5.02
N PRO B 323 5.52 -18.91 6.11
CA PRO B 323 6.14 -18.81 7.44
C PRO B 323 6.92 -20.02 7.86
N GLN B 324 6.82 -21.16 7.17
CA GLN B 324 7.72 -22.27 7.51
C GLN B 324 9.13 -21.99 7.06
N LEU B 325 9.29 -21.36 5.88
CA LEU B 325 10.59 -20.82 5.50
C LEU B 325 11.05 -19.73 6.44
N ALA B 326 10.13 -18.83 6.83
CA ALA B 326 10.50 -17.76 7.75
C ALA B 326 10.92 -18.29 9.10
N PHE B 327 10.34 -19.40 9.54
CA PHE B 327 10.68 -19.99 10.83
C PHE B 327 12.00 -20.75 10.74
N ASN B 328 12.26 -21.42 9.62
CA ASN B 328 13.55 -22.09 9.46
C ASN B 328 14.68 -21.11 9.23
N LEU B 329 14.38 -19.87 8.84
CA LEU B 329 15.43 -18.87 8.74
C LEU B 329 15.49 -17.92 9.93
N ALA B 330 14.47 -17.90 10.79
CA ALA B 330 14.55 -17.07 11.98
C ALA B 330 15.54 -17.64 12.98
N ARG B 331 15.49 -18.94 13.18
CA ARG B 331 16.60 -19.62 13.82
C ARG B 331 17.84 -19.50 12.94
N ASP B 332 19.00 -19.64 13.59
CA ASP B 332 20.33 -19.33 13.07
C ASP B 332 20.48 -17.84 12.72
N GLN B 333 19.60 -16.99 13.27
CA GLN B 333 19.78 -15.54 13.36
C GLN B 333 19.90 -14.87 11.99
N TYR B 334 18.93 -15.13 11.12
CA TYR B 334 18.92 -14.53 9.79
C TYR B 334 17.71 -13.66 9.51
N MET B 335 16.54 -14.02 10.02
CA MET B 335 15.37 -13.17 9.86
C MET B 335 15.26 -12.31 11.11
N PRO B 336 14.29 -11.39 11.19
CA PRO B 336 13.90 -10.87 12.51
C PRO B 336 13.47 -11.99 13.43
N ARG B 337 13.73 -11.79 14.73
CA ARG B 337 13.52 -12.83 15.74
C ARG B 337 12.06 -13.17 15.98
N MET B 338 11.12 -12.33 15.52
CA MET B 338 9.71 -12.47 15.88
C MET B 338 9.04 -13.69 15.27
N PHE B 339 9.70 -14.41 14.37
CA PHE B 339 9.09 -15.53 13.67
C PHE B 339 9.34 -16.86 14.36
N THR B 340 9.75 -16.84 15.63
CA THR B 340 10.17 -18.05 16.32
C THR B 340 8.99 -18.85 16.85
N VAL B 341 7.78 -18.28 16.84
CA VAL B 341 6.64 -18.91 17.50
C VAL B 341 5.87 -19.84 16.57
N ARG B 342 6.20 -19.84 15.28
CA ARG B 342 5.67 -20.77 14.26
C ARG B 342 4.15 -20.64 14.12
N GLY B 343 3.69 -19.43 13.80
CA GLY B 343 2.28 -19.22 13.53
C GLY B 343 1.44 -18.90 14.75
N ASP B 344 2.04 -18.31 15.78
CA ASP B 344 1.28 -17.85 16.94
C ASP B 344 1.04 -16.35 16.85
N ARG B 345 0.95 -15.85 15.61
CA ARG B 345 0.55 -14.47 15.27
C ARG B 345 1.54 -13.46 15.85
N LEU B 346 2.79 -13.53 15.40
CA LEU B 346 3.70 -12.40 15.60
C LEU B 346 4.16 -11.81 14.27
N GLY B 347 4.81 -12.63 13.45
CA GLY B 347 5.28 -12.13 12.17
C GLY B 347 4.43 -12.64 11.04
N PHE B 348 3.44 -13.47 11.37
CA PHE B 348 2.48 -13.95 10.39
C PHE B 348 1.72 -12.80 9.77
N SER B 349 1.41 -11.78 10.57
CA SER B 349 0.81 -10.56 10.04
C SER B 349 1.79 -9.80 9.16
N ASN B 350 3.01 -9.58 9.66
CA ASN B 350 3.99 -8.82 8.87
C ASN B 350 4.45 -9.60 7.65
N GLY B 351 4.52 -10.93 7.77
CA GLY B 351 4.84 -11.76 6.62
C GLY B 351 3.76 -11.69 5.54
N ILE B 352 2.50 -11.76 5.96
CA ILE B 352 1.39 -11.71 5.01
C ILE B 352 1.34 -10.34 4.33
N ILE B 353 1.57 -9.26 5.08
CA ILE B 353 1.53 -7.92 4.50
C ILE B 353 2.70 -7.71 3.53
N PHE B 354 3.90 -8.21 3.86
CA PHE B 354 5.03 -8.07 2.95
C PHE B 354 4.84 -8.87 1.68
N LEU B 355 4.30 -10.09 1.82
CA LEU B 355 4.08 -10.95 0.65
C LEU B 355 3.03 -10.34 -0.27
N GLY B 356 1.96 -9.80 0.31
CA GLY B 356 0.95 -9.14 -0.49
C GLY B 356 1.46 -7.89 -1.18
N PHE B 357 2.29 -7.10 -0.48
CA PHE B 357 2.76 -5.85 -1.07
C PHE B 357 3.75 -6.11 -2.20
N ALA B 358 4.65 -7.09 -2.03
CA ALA B 358 5.58 -7.39 -3.10
C ALA B 358 4.88 -8.07 -4.27
N SER B 359 3.87 -8.88 -4.00
CA SER B 359 3.07 -9.45 -5.07
C SER B 359 2.33 -8.37 -5.86
N ILE B 360 1.80 -7.37 -5.15
CA ILE B 360 1.07 -6.30 -5.81
C ILE B 360 2.00 -5.43 -6.65
N VAL B 361 3.19 -5.12 -6.14
CA VAL B 361 4.10 -4.30 -6.92
C VAL B 361 4.66 -5.07 -8.12
N LEU B 362 4.72 -6.40 -8.05
CA LEU B 362 5.13 -7.12 -9.26
C LEU B 362 4.01 -7.21 -10.28
N ILE B 363 2.75 -7.34 -9.83
CA ILE B 363 1.61 -7.28 -10.75
C ILE B 363 1.57 -5.92 -11.42
N ILE B 364 1.89 -4.85 -10.68
CA ILE B 364 1.83 -3.50 -11.24
C ILE B 364 2.95 -3.28 -12.25
N LEU B 365 4.18 -3.71 -11.92
CA LEU B 365 5.28 -3.55 -12.86
C LEU B 365 5.11 -4.39 -14.11
N PHE B 366 4.38 -5.51 -14.04
CA PHE B 366 4.29 -6.35 -15.23
C PHE B 366 2.88 -6.49 -15.78
N GLY B 367 1.93 -5.69 -15.31
CA GLY B 367 0.57 -5.79 -15.78
C GLY B 367 -0.07 -7.08 -15.28
N GLY B 368 -1.29 -7.31 -15.75
CA GLY B 368 -1.92 -8.59 -15.52
C GLY B 368 -1.61 -9.51 -16.67
N GLN B 369 -0.33 -9.75 -16.92
CA GLN B 369 0.07 -10.31 -18.20
C GLN B 369 0.16 -11.82 -18.19
N THR B 370 0.74 -12.41 -17.13
CA THR B 370 1.22 -13.79 -16.99
C THR B 370 1.87 -14.35 -18.26
N GLU B 371 2.64 -13.51 -18.94
CA GLU B 371 3.52 -13.93 -20.01
C GLU B 371 4.93 -13.40 -19.82
N HIS B 372 5.10 -12.35 -19.02
CA HIS B 372 6.41 -11.87 -18.64
C HIS B 372 6.84 -12.39 -17.27
N LEU B 373 5.90 -12.66 -16.36
CA LEU B 373 6.27 -13.07 -15.02
C LEU B 373 6.66 -14.53 -14.92
N ILE B 374 6.34 -15.34 -15.93
CA ILE B 374 6.65 -16.76 -15.91
C ILE B 374 8.15 -17.04 -15.94
N PRO B 375 9.00 -16.37 -16.74
CA PRO B 375 10.44 -16.61 -16.56
C PRO B 375 10.99 -16.16 -15.23
N LEU B 376 10.41 -15.11 -14.62
CA LEU B 376 10.81 -14.71 -13.28
C LEU B 376 10.49 -15.80 -12.27
N TYR B 377 9.28 -16.34 -12.33
CA TYR B 377 8.85 -17.36 -11.40
C TYR B 377 9.58 -18.67 -11.63
N ALA B 378 9.95 -18.96 -12.89
CA ALA B 378 10.69 -20.19 -13.14
C ALA B 378 12.15 -20.07 -12.70
N VAL B 379 12.75 -18.89 -12.82
CA VAL B 379 14.09 -18.70 -12.25
C VAL B 379 14.02 -18.80 -10.74
N GLY B 380 12.97 -18.21 -10.14
CA GLY B 380 12.80 -18.27 -8.71
C GLY B 380 12.51 -19.66 -8.17
N VAL B 381 12.01 -20.57 -8.99
CA VAL B 381 11.84 -21.94 -8.53
C VAL B 381 12.99 -22.85 -8.97
N PHE B 382 13.81 -22.44 -9.93
CA PHE B 382 14.88 -23.32 -10.39
C PHE B 382 16.27 -22.85 -9.98
N ILE B 383 16.37 -21.83 -9.15
CA ILE B 383 17.56 -21.73 -8.31
C ILE B 383 17.46 -22.71 -7.12
N PRO B 384 16.34 -22.83 -6.38
CA PRO B 384 16.33 -23.81 -5.28
C PRO B 384 16.40 -25.25 -5.71
N PHE B 385 15.88 -25.62 -6.87
CA PHE B 385 16.00 -27.01 -7.31
C PHE B 385 17.44 -27.36 -7.63
N THR B 386 18.15 -26.42 -8.27
CA THR B 386 19.57 -26.59 -8.57
C THR B 386 20.38 -26.73 -7.29
N LEU B 387 20.17 -25.82 -6.33
CA LEU B 387 20.97 -25.87 -5.12
C LEU B 387 20.62 -27.06 -4.25
N SER B 388 19.36 -27.49 -4.25
CA SER B 388 18.97 -28.68 -3.49
C SER B 388 19.58 -29.94 -4.09
N GLN B 389 19.60 -30.04 -5.41
CA GLN B 389 20.20 -31.22 -6.03
C GLN B 389 21.71 -31.24 -5.87
N THR B 390 22.36 -30.07 -5.95
CA THR B 390 23.80 -30.03 -5.74
C THR B 390 24.17 -30.37 -4.30
N GLY B 391 23.39 -29.89 -3.34
CA GLY B 391 23.65 -30.23 -1.95
C GLY B 391 23.40 -31.70 -1.65
N MET B 392 22.36 -32.27 -2.26
CA MET B 392 22.13 -33.70 -2.10
C MET B 392 23.24 -34.51 -2.76
N CYS B 393 23.80 -34.01 -3.87
CA CYS B 393 24.91 -34.69 -4.52
C CYS B 393 26.15 -34.68 -3.64
N MET B 394 26.44 -33.55 -2.98
CA MET B 394 27.60 -33.51 -2.10
C MET B 394 27.38 -34.35 -0.84
N LYS B 395 26.15 -34.43 -0.36
CA LYS B 395 25.86 -35.30 0.78
C LYS B 395 25.98 -36.77 0.39
N TRP B 396 25.65 -37.12 -0.85
CA TRP B 396 25.83 -38.48 -1.30
C TRP B 396 27.25 -38.77 -1.77
N ILE B 397 28.09 -37.75 -1.94
CA ILE B 397 29.49 -38.01 -2.21
C ILE B 397 30.32 -38.01 -0.92
N LYS B 398 29.74 -37.52 0.19
CA LYS B 398 30.44 -37.60 1.46
C LYS B 398 30.54 -39.03 1.96
N GLN B 399 29.49 -39.83 1.79
CA GLN B 399 29.49 -41.22 2.19
C GLN B 399 29.05 -42.10 1.03
N LYS B 400 29.34 -43.39 1.14
CA LYS B 400 29.02 -44.33 0.07
C LYS B 400 28.11 -45.45 0.58
N PRO B 401 26.99 -45.14 1.24
CA PRO B 401 26.32 -46.17 2.05
C PRO B 401 25.59 -47.28 1.32
N LYS B 402 24.66 -46.93 0.43
CA LYS B 402 23.68 -47.92 -0.05
C LYS B 402 23.28 -47.53 -1.47
N GLY B 403 23.86 -48.22 -2.46
CA GLY B 403 23.58 -47.92 -3.87
C GLY B 403 24.08 -46.55 -4.23
N TRP B 404 25.40 -46.37 -4.17
CA TRP B 404 25.98 -45.04 -4.09
C TRP B 404 25.92 -44.32 -5.43
N ILE B 405 26.48 -44.93 -6.48
CA ILE B 405 26.63 -44.26 -7.76
C ILE B 405 25.30 -44.05 -8.46
N GLY B 406 24.28 -44.85 -8.17
CA GLY B 406 22.98 -44.66 -8.81
C GLY B 406 22.27 -43.43 -8.30
N LYS B 407 22.22 -43.27 -6.98
CA LYS B 407 21.62 -42.08 -6.39
C LYS B 407 22.44 -40.84 -6.70
N MET B 408 23.78 -40.99 -6.75
CA MET B 408 24.64 -39.87 -7.11
C MET B 408 24.37 -39.41 -8.55
N LEU B 409 24.21 -40.35 -9.48
CA LEU B 409 23.96 -39.97 -10.86
C LEU B 409 22.56 -39.42 -11.07
N ILE B 410 21.57 -39.93 -10.31
CA ILE B 410 20.21 -39.39 -10.41
C ILE B 410 20.18 -37.94 -9.98
N ASN B 411 20.81 -37.63 -8.83
CA ASN B 411 20.80 -36.26 -8.37
C ASN B 411 21.67 -35.35 -9.22
N SER B 412 22.78 -35.86 -9.76
CA SER B 412 23.63 -34.99 -10.57
C SER B 412 23.00 -34.72 -11.93
N CYS B 413 22.28 -35.69 -12.50
CA CYS B 413 21.61 -35.44 -13.76
C CYS B 413 20.43 -34.50 -13.59
N GLY B 414 19.72 -34.63 -12.46
CA GLY B 414 18.67 -33.65 -12.15
C GLY B 414 19.23 -32.26 -11.97
N ALA B 415 20.40 -32.14 -11.33
CA ALA B 415 21.06 -30.86 -11.19
C ALA B 415 21.48 -30.29 -12.54
N LEU B 416 21.95 -31.15 -13.45
CA LEU B 416 22.36 -30.69 -14.77
C LEU B 416 21.17 -30.16 -15.57
N ILE B 417 20.05 -30.90 -15.56
CA ILE B 417 18.92 -30.46 -16.38
C ILE B 417 18.24 -29.24 -15.77
N SER B 418 18.21 -29.12 -14.45
CA SER B 418 17.69 -27.89 -13.85
C SER B 418 18.63 -26.72 -14.10
N PHE B 419 19.94 -26.98 -14.17
CA PHE B 419 20.86 -25.88 -14.40
C PHE B 419 20.79 -25.39 -15.84
N MET B 420 20.60 -26.29 -16.80
CA MET B 420 20.46 -25.80 -18.17
C MET B 420 19.14 -25.10 -18.38
N VAL B 421 18.08 -25.52 -17.67
CA VAL B 421 16.81 -24.78 -17.73
C VAL B 421 16.98 -23.37 -17.19
N LEU B 422 17.70 -23.23 -16.06
CA LEU B 422 17.93 -21.91 -15.49
C LEU B 422 18.81 -21.04 -16.41
N SER B 423 19.84 -21.63 -17.02
CA SER B 423 20.73 -20.81 -17.83
C SER B 423 20.08 -20.39 -19.14
N ILE B 424 19.20 -21.23 -19.70
CA ILE B 424 18.46 -20.81 -20.89
C ILE B 424 17.46 -19.71 -20.54
N LEU B 425 16.77 -19.85 -19.40
CA LEU B 425 15.85 -18.81 -18.98
C LEU B 425 16.57 -17.53 -18.54
N PHE B 426 17.87 -17.60 -18.28
CA PHE B 426 18.58 -16.40 -17.86
C PHE B 426 19.28 -15.70 -19.02
N VAL B 427 19.81 -16.45 -19.99
CA VAL B 427 20.60 -15.80 -21.05
C VAL B 427 19.68 -15.09 -22.04
N THR B 428 18.43 -15.53 -22.17
CA THR B 428 17.41 -14.77 -22.85
C THR B 428 16.34 -14.41 -21.82
N LYS B 429 15.36 -13.63 -22.29
CA LYS B 429 14.37 -12.95 -21.44
C LYS B 429 15.03 -12.13 -20.35
N PHE B 430 16.21 -11.57 -20.66
CA PHE B 430 16.97 -10.77 -19.72
C PHE B 430 16.34 -9.40 -19.53
N ASN B 431 15.44 -9.01 -20.41
CA ASN B 431 14.66 -7.81 -20.22
C ASN B 431 13.57 -7.96 -19.18
N VAL B 432 13.31 -9.18 -18.68
CA VAL B 432 12.32 -9.36 -17.63
C VAL B 432 12.93 -9.86 -16.33
N VAL B 433 14.09 -10.51 -16.34
CA VAL B 433 14.65 -11.07 -15.11
C VAL B 433 15.69 -10.15 -14.48
N TRP B 434 15.65 -8.86 -14.79
CA TRP B 434 16.45 -7.94 -13.99
C TRP B 434 16.00 -7.77 -12.53
N PRO B 435 14.73 -7.97 -12.13
CA PRO B 435 14.44 -7.98 -10.68
C PRO B 435 15.08 -9.11 -9.89
N VAL B 436 15.46 -10.22 -10.50
CA VAL B 436 16.16 -11.26 -9.74
C VAL B 436 17.59 -10.82 -9.47
N LEU B 437 18.27 -10.31 -10.50
CA LEU B 437 19.67 -9.90 -10.37
C LEU B 437 19.82 -8.69 -9.45
N ILE B 438 18.78 -7.87 -9.32
CA ILE B 438 18.79 -6.81 -8.32
C ILE B 438 18.42 -7.36 -6.95
N PHE B 439 17.31 -8.09 -6.86
CA PHE B 439 16.72 -8.43 -5.58
C PHE B 439 17.49 -9.50 -4.83
N MET B 440 18.26 -10.32 -5.49
CA MET B 440 18.94 -11.39 -4.74
C MET B 440 20.14 -10.90 -3.91
N PRO B 441 21.06 -10.05 -4.40
CA PRO B 441 22.12 -9.58 -3.50
C PRO B 441 21.63 -8.66 -2.39
N ILE B 442 20.49 -7.99 -2.56
CA ILE B 442 19.93 -7.18 -1.47
C ILE B 442 19.49 -8.08 -0.33
N VAL B 443 18.81 -9.19 -0.62
CA VAL B 443 18.37 -10.09 0.43
C VAL B 443 19.54 -10.83 1.05
N VAL B 444 20.56 -11.19 0.25
CA VAL B 444 21.71 -11.88 0.82
C VAL B 444 22.53 -10.92 1.71
N LEU B 445 22.72 -9.67 1.27
CA LEU B 445 23.41 -8.68 2.08
C LEU B 445 22.64 -8.36 3.35
N LEU B 446 21.31 -8.32 3.27
CA LEU B 446 20.51 -8.05 4.46
C LEU B 446 20.57 -9.20 5.45
N PHE B 447 20.61 -10.45 4.95
CA PHE B 447 20.71 -11.58 5.86
C PHE B 447 22.07 -11.63 6.53
N PHE B 448 23.11 -11.26 5.79
CA PHE B 448 24.45 -11.15 6.39
C PHE B 448 24.49 -10.03 7.43
N ALA B 449 23.80 -8.92 7.16
CA ALA B 449 23.80 -7.80 8.10
C ALA B 449 23.03 -8.14 9.38
N ILE B 450 21.93 -8.87 9.26
CA ILE B 450 21.17 -9.27 10.46
C ILE B 450 21.97 -10.25 11.29
N LYS B 451 22.67 -11.20 10.64
CA LYS B 451 23.50 -12.14 11.40
C LYS B 451 24.65 -11.43 12.10
N ASN B 452 25.28 -10.47 11.42
CA ASN B 452 26.36 -9.70 12.04
C ASN B 452 25.85 -8.85 13.19
N HIS B 453 24.65 -8.29 13.05
CA HIS B 453 24.06 -7.48 14.11
C HIS B 453 23.72 -8.31 15.33
N TYR B 454 23.22 -9.53 15.14
CA TYR B 454 22.92 -10.35 16.31
C TYR B 454 24.18 -10.89 16.97
N THR B 455 25.25 -11.11 16.21
CA THR B 455 26.52 -11.45 16.85
C THR B 455 27.07 -10.27 17.65
N ALA B 456 26.94 -9.06 17.12
CA ALA B 456 27.42 -7.88 17.85
C ALA B 456 26.60 -7.63 19.11
N VAL B 457 25.28 -7.85 19.05
CA VAL B 457 24.45 -7.68 20.22
C VAL B 457 24.74 -8.76 21.26
N GLY B 458 24.92 -10.01 20.83
CA GLY B 458 25.27 -11.06 21.76
C GLY B 458 26.65 -10.92 22.38
N GLU B 459 27.57 -10.22 21.70
CA GLU B 459 28.91 -10.04 22.27
C GLU B 459 29.06 -8.75 23.07
N GLN B 460 28.26 -7.73 22.81
CA GLN B 460 28.30 -6.51 23.61
C GLN B 460 27.43 -6.64 24.85
N LEU B 461 26.20 -7.10 24.67
CA LEU B 461 25.31 -7.50 25.73
C LEU B 461 25.76 -8.87 26.27
N ARG B 462 25.08 -9.34 27.32
CA ARG B 462 25.44 -10.55 28.08
C ARG B 462 26.85 -10.44 28.65
N ILE B 463 27.01 -9.46 29.55
CA ILE B 463 28.24 -9.27 30.30
C ILE B 463 27.92 -9.41 31.79
N VAL B 464 28.94 -9.27 32.63
CA VAL B 464 28.78 -9.32 34.08
C VAL B 464 29.22 -7.96 34.63
N ASP B 465 28.28 -7.16 35.09
CA ASP B 465 28.59 -5.84 35.60
C ASP B 465 28.15 -5.75 37.07
N LYS B 466 28.25 -4.54 37.61
CA LYS B 466 27.91 -4.26 39.00
C LYS B 466 26.48 -3.72 39.07
N GLU B 467 26.10 -3.23 40.23
CA GLU B 467 24.79 -2.62 40.43
C GLU B 467 24.90 -1.10 40.43
N PRO B 468 23.87 -0.40 39.94
CA PRO B 468 23.90 1.06 39.92
C PRO B 468 23.73 1.72 41.28
N GLU B 469 23.48 3.03 41.27
CA GLU B 469 23.48 3.90 42.45
C GLU B 469 22.50 3.48 43.55
N GLU B 470 21.50 2.65 43.24
CA GLU B 470 20.37 2.34 44.13
C GLU B 470 19.66 3.64 44.51
N ILE B 471 19.01 4.19 43.48
CA ILE B 471 18.62 5.59 43.35
C ILE B 471 17.73 6.10 44.49
N LYS B 472 16.95 5.21 45.12
CA LYS B 472 16.20 5.41 46.37
C LYS B 472 15.25 6.62 46.36
N GLY B 473 14.90 7.13 45.17
CA GLY B 473 13.98 8.24 45.07
C GLY B 473 13.58 8.50 43.64
N THR B 474 12.28 8.62 43.38
CA THR B 474 11.77 8.70 42.01
C THR B 474 10.69 9.77 41.94
N VAL B 475 10.72 10.55 40.87
CA VAL B 475 9.72 11.59 40.63
C VAL B 475 8.79 11.13 39.51
N VAL B 476 7.51 11.48 39.63
CA VAL B 476 6.48 11.04 38.70
C VAL B 476 5.87 12.26 38.04
N ILE B 477 5.97 12.34 36.73
CA ILE B 477 5.45 13.45 35.95
C ILE B 477 4.24 12.96 35.18
N VAL B 478 3.20 13.80 35.11
CA VAL B 478 1.97 13.45 34.40
C VAL B 478 1.49 14.64 33.58
N PRO B 479 1.32 14.49 32.26
CA PRO B 479 0.71 15.56 31.47
C PRO B 479 -0.69 15.17 31.00
N GLY B 482 -7.23 19.11 31.05
CA GLY B 482 -8.23 19.66 31.95
C GLY B 482 -8.49 18.74 33.13
N VAL B 483 -9.10 19.29 34.18
CA VAL B 483 -9.44 18.51 35.37
C VAL B 483 -10.50 17.50 34.98
N THR B 484 -10.12 16.24 34.95
CA THR B 484 -10.87 15.19 34.30
C THR B 484 -10.83 13.97 35.21
N THR B 485 -11.82 13.08 35.07
CA THR B 485 -11.81 11.85 35.84
C THR B 485 -10.61 10.96 35.50
N VAL B 486 -10.17 10.96 34.25
CA VAL B 486 -8.97 10.21 33.89
C VAL B 486 -7.73 10.91 34.45
N VAL B 487 -7.74 12.24 34.44
CA VAL B 487 -6.63 12.99 35.00
C VAL B 487 -6.56 12.81 36.52
N GLN B 488 -7.71 12.85 37.20
CA GLN B 488 -7.67 12.67 38.65
C GLN B 488 -7.34 11.23 39.03
N LYS B 489 -7.75 10.25 38.21
CA LYS B 489 -7.35 8.87 38.46
C LYS B 489 -5.86 8.67 38.29
N SER B 490 -5.29 9.25 37.22
CA SER B 490 -3.86 9.09 36.98
C SER B 490 -3.04 9.82 38.02
N ILE B 491 -3.50 10.99 38.47
CA ILE B 491 -2.73 11.68 39.50
C ILE B 491 -2.91 11.03 40.86
N HIS B 492 -4.01 10.31 41.08
CA HIS B 492 -4.12 9.53 42.30
C HIS B 492 -3.17 8.34 42.29
N TYR B 493 -3.05 7.67 41.15
CA TYR B 493 -2.07 6.59 41.04
C TYR B 493 -0.65 7.12 41.15
N ALA B 494 -0.42 8.35 40.70
CA ALA B 494 0.89 8.97 40.85
C ALA B 494 1.22 9.21 42.32
N LYS B 495 0.27 9.78 43.07
CA LYS B 495 0.49 10.01 44.50
C LYS B 495 0.61 8.71 45.27
N SER B 496 -0.04 7.65 44.81
CA SER B 496 0.09 6.36 45.48
C SER B 496 1.46 5.73 45.20
N LEU B 497 1.92 5.81 43.95
CA LEU B 497 3.13 5.10 43.58
C LEU B 497 4.38 5.82 44.05
N SER B 498 4.39 7.15 44.04
CA SER B 498 5.55 7.89 44.52
C SER B 498 5.10 9.20 45.13
N ASP B 499 6.09 10.02 45.51
CA ASP B 499 5.89 11.35 46.05
C ASP B 499 6.62 12.35 45.17
N GLN B 500 6.45 13.64 45.54
CA GLN B 500 7.00 14.80 44.82
C GLN B 500 6.56 14.82 43.36
N VAL B 501 5.33 14.39 43.12
CA VAL B 501 4.83 14.27 41.75
C VAL B 501 4.51 15.65 41.19
N ILE B 502 4.63 15.78 39.87
CA ILE B 502 4.52 17.04 39.17
C ILE B 502 3.52 16.89 38.05
N ALA B 503 2.53 17.78 38.00
CA ALA B 503 1.56 17.82 36.92
C ALA B 503 1.90 18.96 35.98
N VAL B 504 1.89 18.69 34.69
CA VAL B 504 2.12 19.71 33.67
C VAL B 504 0.96 19.68 32.69
N HIS B 505 0.70 20.82 32.06
CA HIS B 505 -0.24 20.88 30.94
C HIS B 505 0.13 22.05 30.05
N VAL B 506 0.18 21.80 28.74
CA VAL B 506 0.61 22.82 27.79
C VAL B 506 -0.47 23.89 27.67
N SER B 507 -0.06 25.16 27.78
CA SER B 507 -0.99 26.27 27.83
C SER B 507 -0.69 27.24 26.70
N PHE B 508 -1.70 27.60 25.93
CA PHE B 508 -1.51 28.48 24.80
C PHE B 508 -2.80 29.24 24.49
N ASP B 509 -2.64 30.32 23.73
CA ASP B 509 -3.61 31.22 23.11
C ASP B 509 -4.62 31.91 24.03
N ARG B 510 -4.53 31.76 25.34
CA ARG B 510 -5.48 32.46 26.21
C ARG B 510 -4.86 32.72 27.57
N GLU B 511 -5.70 33.22 28.49
CA GLU B 511 -5.34 33.56 29.86
C GLU B 511 -5.83 32.52 30.86
N GLN B 512 -6.57 31.51 30.38
CA GLN B 512 -7.24 30.54 31.24
C GLN B 512 -6.30 29.60 31.98
N GLU B 513 -4.99 29.63 31.72
CA GLU B 513 -4.06 28.78 32.45
C GLU B 513 -3.98 29.18 33.92
N LYS B 514 -4.03 30.49 34.20
CA LYS B 514 -4.17 30.94 35.57
C LYS B 514 -5.51 30.53 36.13
N LYS B 515 -6.57 30.62 35.31
CA LYS B 515 -7.88 30.13 35.70
C LYS B 515 -7.89 28.62 35.87
N PHE B 516 -7.10 27.91 35.06
CA PHE B 516 -7.01 26.45 35.19
C PHE B 516 -6.33 26.06 36.50
N GLU B 517 -5.22 26.75 36.84
CA GLU B 517 -4.56 26.53 38.13
C GLU B 517 -5.49 26.87 39.28
N LYS B 518 -6.26 27.96 39.13
CA LYS B 518 -7.20 28.39 40.15
C LYS B 518 -8.27 27.33 40.40
N ARG B 519 -8.97 26.91 39.35
CA ARG B 519 -10.06 25.94 39.50
C ARG B 519 -9.52 24.57 39.91
N TRP B 520 -8.30 24.23 39.48
CA TRP B 520 -7.60 23.04 39.97
C TRP B 520 -7.47 23.06 41.48
N GLU B 521 -6.91 24.15 42.01
CA GLU B 521 -6.59 24.22 43.43
C GLU B 521 -7.84 24.31 44.29
N GLU B 522 -8.77 25.22 43.97
CA GLU B 522 -9.94 25.35 44.83
C GLU B 522 -11.10 24.46 44.41
N LEU B 523 -10.88 23.53 43.48
CA LEU B 523 -11.85 22.49 43.22
C LEU B 523 -11.43 21.16 43.85
N ASN B 524 -10.26 20.63 43.46
CA ASN B 524 -10.00 19.31 44.05
C ASN B 524 -8.62 19.17 44.67
N ASN B 525 -7.58 19.72 44.06
CA ASN B 525 -6.24 19.21 44.29
C ASN B 525 -5.51 20.01 45.36
N GLY B 526 -4.39 19.44 45.80
CA GLY B 526 -3.44 20.08 46.68
C GLY B 526 -2.03 19.68 46.32
N VAL B 527 -1.88 18.99 45.19
CA VAL B 527 -0.60 18.51 44.71
C VAL B 527 0.14 19.63 43.99
N ARG B 528 1.42 19.42 43.72
CA ARG B 528 2.26 20.45 43.13
C ARG B 528 2.03 20.53 41.63
N LEU B 529 2.03 21.76 41.09
CA LEU B 529 1.90 22.00 39.67
C LEU B 529 2.88 23.10 39.27
N VAL B 530 3.52 22.91 38.12
CA VAL B 530 4.39 23.92 37.53
C VAL B 530 4.07 23.99 36.03
N THR B 531 3.23 24.95 35.64
CA THR B 531 2.77 25.06 34.27
C THR B 531 3.87 25.62 33.37
N LEU B 532 3.54 25.80 32.09
CA LEU B 532 4.47 26.33 31.11
C LEU B 532 3.72 27.29 30.20
N HIS B 533 4.41 27.79 29.19
CA HIS B 533 3.85 28.78 28.28
C HIS B 533 4.53 28.77 26.92
N LEU B 539 2.78 20.75 20.83
CA LEU B 539 4.08 21.39 20.68
C LEU B 539 5.14 20.56 21.40
N VAL B 540 6.40 20.70 20.98
CA VAL B 540 7.49 19.84 21.43
C VAL B 540 8.55 20.62 22.20
N HIS B 541 8.93 21.80 21.69
CA HIS B 541 10.15 22.49 22.15
C HIS B 541 10.15 22.90 23.64
N PRO B 542 9.13 23.57 24.20
CA PRO B 542 9.22 23.86 25.65
C PRO B 542 9.08 22.61 26.50
N PHE B 543 8.44 21.56 25.98
CA PHE B 543 8.32 20.32 26.73
C PHE B 543 9.67 19.62 26.88
N ASP B 544 10.44 19.55 25.79
CA ASP B 544 11.77 18.93 25.90
C ASP B 544 12.73 19.86 26.64
N LYS B 545 12.49 21.17 26.62
CA LYS B 545 13.26 22.06 27.48
C LYS B 545 13.01 21.77 28.95
N PHE B 546 11.73 21.56 29.31
CA PHE B 546 11.40 21.23 30.70
C PHE B 546 11.95 19.86 31.10
N LEU B 547 11.90 18.91 30.18
CA LEU B 547 12.45 17.58 30.47
C LEU B 547 13.96 17.61 30.57
N GLU B 548 14.64 18.45 29.79
CA GLU B 548 16.08 18.59 29.91
C GLU B 548 16.47 19.25 31.22
N THR B 549 15.66 20.21 31.69
CA THR B 549 15.96 20.85 32.97
C THR B 549 15.71 19.89 34.13
N VAL B 550 14.65 19.09 34.06
CA VAL B 550 14.40 18.14 35.14
C VAL B 550 15.36 16.96 35.07
N GLU B 551 15.93 16.68 33.90
CA GLU B 551 17.02 15.71 33.83
C GLU B 551 18.30 16.28 34.39
N ALA B 552 18.50 17.60 34.26
CA ALA B 552 19.62 18.25 34.95
C ALA B 552 19.44 18.19 36.45
N LYS B 553 18.21 18.18 36.93
CA LYS B 553 17.92 17.90 38.34
C LYS B 553 17.64 16.41 38.55
N ALA B 554 18.50 15.56 37.97
CA ALA B 554 18.36 14.12 38.20
C ALA B 554 19.68 13.38 38.41
N LYS B 555 20.81 13.88 37.91
CA LYS B 555 22.03 13.07 37.82
C LYS B 555 22.86 13.15 39.09
N LYS B 556 23.26 14.36 39.48
CA LYS B 556 23.99 14.55 40.74
C LYS B 556 23.12 14.32 41.96
N GLU B 557 21.79 14.40 41.78
CA GLU B 557 20.83 14.16 42.86
C GLU B 557 20.53 12.69 43.06
N GLN B 558 20.98 11.84 42.12
CA GLN B 558 20.82 10.37 42.14
C GLN B 558 19.35 9.94 42.24
N PHE B 559 18.45 10.74 41.70
CA PHE B 559 17.02 10.41 41.68
C PHE B 559 16.58 10.27 40.24
N SER B 560 15.84 9.22 39.94
CA SER B 560 15.40 8.94 38.58
C SER B 560 14.17 9.79 38.25
N VAL B 561 13.53 9.47 37.12
CA VAL B 561 12.43 10.26 36.61
C VAL B 561 11.53 9.33 35.80
N MET B 562 10.22 9.60 35.85
CA MET B 562 9.24 8.71 35.22
C MET B 562 8.04 9.54 34.79
N VAL B 563 7.63 9.40 33.54
CA VAL B 563 6.47 10.09 33.00
C VAL B 563 5.32 9.11 32.85
N LEU B 564 4.17 9.45 33.40
CA LEU B 564 2.98 8.61 33.33
C LEU B 564 2.01 9.20 32.31
N PHE B 565 1.54 8.35 31.41
CA PHE B 565 0.53 8.72 30.42
C PHE B 565 -0.79 8.03 30.73
N PRO B 566 -1.89 8.61 30.33
CA PRO B 566 -3.15 7.84 30.33
C PRO B 566 -3.44 7.25 28.96
N GLN B 567 -4.40 6.34 28.88
CA GLN B 567 -4.88 5.82 27.60
C GLN B 567 -6.37 5.63 27.66
N PHE B 568 -7.08 6.14 26.66
CA PHE B 568 -8.50 5.91 26.52
C PHE B 568 -8.71 4.64 25.71
N ILE B 569 -9.51 3.72 26.26
CA ILE B 569 -9.78 2.44 25.62
C ILE B 569 -11.28 2.29 25.47
N THR B 570 -11.74 2.07 24.25
CA THR B 570 -13.16 1.98 23.95
C THR B 570 -13.65 0.55 24.11
N LYS B 571 -14.87 0.29 23.64
CA LYS B 571 -15.45 -1.05 23.59
C LYS B 571 -15.64 -1.57 22.18
N LYS B 572 -15.97 -0.69 21.23
CA LYS B 572 -16.30 -1.07 19.87
C LYS B 572 -15.09 -1.38 19.01
N ARG B 573 -13.87 -1.24 19.54
CA ARG B 573 -12.59 -1.65 18.97
C ARG B 573 -12.16 -0.86 17.72
N TRP B 574 -13.02 0.04 17.26
CA TRP B 574 -12.74 0.88 16.10
C TRP B 574 -12.17 2.24 16.51
N HIS B 575 -12.43 2.69 17.73
CA HIS B 575 -11.96 3.99 18.19
C HIS B 575 -10.53 3.94 18.75
N THR B 576 -9.70 3.00 18.28
CA THR B 576 -8.28 3.04 18.60
C THR B 576 -7.63 4.29 18.03
N ILE B 577 -8.09 4.72 16.86
CA ILE B 577 -7.71 6.00 16.26
C ILE B 577 -8.57 7.05 16.94
N LEU B 578 -8.31 8.33 16.68
CA LEU B 578 -9.14 9.49 16.97
C LEU B 578 -9.28 9.79 18.45
N HIS B 579 -8.58 9.08 19.34
CA HIS B 579 -8.68 9.37 20.77
C HIS B 579 -7.35 9.82 21.35
N ASN B 580 -6.29 9.03 21.23
CA ASN B 580 -5.05 9.30 21.95
C ASN B 580 -3.82 9.32 21.06
N GLN B 581 -3.96 9.10 19.76
CA GLN B 581 -2.80 8.87 18.91
C GLN B 581 -2.07 10.15 18.51
N SER B 582 -2.34 11.28 19.17
CA SER B 582 -1.52 12.47 18.99
C SER B 582 -0.43 12.54 20.05
N ALA B 583 -0.85 12.66 21.31
CA ALA B 583 0.11 12.89 22.39
C ALA B 583 0.97 11.67 22.63
N PHE B 584 0.37 10.48 22.53
CA PHE B 584 1.09 9.23 22.74
C PHE B 584 2.19 9.05 21.70
N LEU B 585 1.85 9.14 20.42
CA LEU B 585 2.83 8.94 19.35
C LEU B 585 3.90 10.01 19.38
N LEU B 586 3.48 11.28 19.56
CA LEU B 586 4.44 12.39 19.53
C LEU B 586 5.41 12.32 20.69
N ARG B 587 4.91 12.15 21.91
CA ARG B 587 5.84 12.19 23.02
C ARG B 587 6.61 10.89 23.21
N VAL B 588 6.09 9.75 22.75
CA VAL B 588 6.92 8.55 22.73
C VAL B 588 8.03 8.69 21.69
N ARG B 589 7.75 9.36 20.57
CA ARG B 589 8.82 9.72 19.64
C ARG B 589 9.80 10.69 20.28
N LEU B 590 9.31 11.57 21.16
CA LEU B 590 10.19 12.51 21.84
C LEU B 590 11.04 11.82 22.90
N PHE B 591 10.57 10.71 23.47
CA PHE B 591 11.17 10.12 24.65
C PHE B 591 12.27 9.12 24.33
N TRP B 592 12.97 9.29 23.22
CA TRP B 592 14.23 8.61 23.00
C TRP B 592 15.38 9.53 23.35
N LYS B 593 16.56 8.92 23.55
CA LYS B 593 17.82 9.62 23.88
C LYS B 593 17.72 10.42 25.17
N LYS B 594 16.90 9.97 26.11
CA LYS B 594 16.68 10.75 27.32
C LYS B 594 16.84 9.91 28.58
N ASP B 595 16.65 8.59 28.44
CA ASP B 595 16.70 7.61 29.53
C ASP B 595 15.71 7.96 30.65
N ILE B 596 14.43 7.92 30.28
CA ILE B 596 13.34 8.20 31.20
C ILE B 596 12.20 7.22 30.92
N MET B 597 11.86 6.41 31.91
CA MET B 597 10.87 5.36 31.70
C MET B 597 9.48 5.96 31.64
N VAL B 598 8.70 5.52 30.66
CA VAL B 598 7.35 5.99 30.49
C VAL B 598 6.40 4.90 31.00
N ALA B 599 5.12 5.25 31.14
CA ALA B 599 4.13 4.29 31.58
C ALA B 599 2.76 4.75 31.12
N THR B 600 1.94 3.79 30.73
CA THR B 600 0.59 4.04 30.27
C THR B 600 -0.41 3.42 31.24
N LEU B 601 -1.47 4.15 31.53
CA LEU B 601 -2.54 3.69 32.40
C LEU B 601 -3.85 3.69 31.62
N PRO B 602 -4.53 2.56 31.51
CA PRO B 602 -5.77 2.53 30.72
C PRO B 602 -7.00 2.93 31.52
N TYR B 603 -7.93 3.58 30.81
CA TYR B 603 -9.22 3.93 31.42
C TYR B 603 -10.26 2.84 31.19
N HIS B 604 -10.37 2.36 29.96
CA HIS B 604 -11.31 1.31 29.53
C HIS B 604 -12.76 1.73 29.78
N PHE B 605 -13.20 2.67 28.93
CA PHE B 605 -14.57 3.17 28.82
C PHE B 605 -15.62 2.07 28.88
N LYS B 606 -16.54 2.18 29.84
CA LYS B 606 -17.66 1.26 29.93
C LYS B 606 -18.91 2.00 30.41
K K C . -3.57 20.17 -11.61
K K D . -5.73 22.70 -5.37
K K E . -8.81 22.40 -6.25
K K F . 0.36 -21.72 -8.85
K K G . 4.36 -23.37 -3.25
K K H . 7.00 -23.29 -5.06
#